data_4GB3
#
_entry.id   4GB3
#
_cell.length_a   296.638
_cell.length_b   296.638
_cell.length_c   813.215
_cell.angle_alpha   90.00
_cell.angle_beta   90.00
_cell.angle_gamma   120.00
#
_symmetry.space_group_name_H-M   'H 3 2'
#
loop_
_entity.id
_entity.type
_entity.pdbx_description
1 polymer 'coat protein 1'
2 polymer 'coat protein 2'
3 polymer 'coat protein 3'
4 polymer 'coat protein 4'
5 non-polymer 'PALMITIC ACID'
6 non-polymer 'MYRISTIC ACID'
#
loop_
_entity_poly.entity_id
_entity_poly.type
_entity_poly.pdbx_seq_one_letter_code
_entity_poly.pdbx_strand_id
1 'polypeptide(L)'
;GPVEDAITAAIGRVADTVGTGPTNSEAIPALTAAETGHTSQVVPGDTMQTRHVKNYHSRSESTIENFLCRSACVYFTEYE
NSGAKRYAEWVITPRQAAQLRRKLEFFTYVRFDLELTFVITSTQQPSTTQNQDAQILTHQIMYVPPGGPVPDKVDSYVWQ
TSTNPSVFWTEGNAPPRMSIPFLSIGNAYSNFYDGWSEFSRNGVYGINTLNNMGTLYARHVNAGSTGPIKSTIRIYFKPK
HVKAWIPRPPRLCQYEKAKNVNFQPSGVTTTRQSITTMTNT
;
1
2 'polypeptide(L)'
;SPTVEECGYSDRVRSITLGNSTITTQECANVVVGYGVWPDYLKDSEATAEDQPTQPDVATCRFYTLDSVQWQKTSPGWWW
KLPDALSNLGLFGQNMQYHYLGRTGYTVHVQCNASKFHQGCLLVVCVPEAEMGCATLDNTPSSVELLGGDSAKEFADKPV
ASGSNKLVQRVVYNAGMGVGVGNLTIFPHQWINLRTNNSATIVMPYTNSVPMDNMFRHNNVTLMVIPFVPLDYCPGSTTY
VPITVTIAPMCAEYNGLRLAGHQ
;
2
3 'polypeptide(L)'
;GLPTMNTPGSCQFLTSDDFQSPSAMPQYDVTPEMRIPGEVKNLMEIAEVDSVVPVQNVGEKVNSMEAYQIPVRSNEGSGT
QVFGFPLQPGYSSVFSRTLLGEILNYYTHWSGSIKLTFMFCGSAMATGKFLLAYSPPGAGAPTKRVDAMLGTHVVWDVGL
QSSCVLCIPWISQTHYRYVASDEYTAGGFITCWYQTNIVVPADAQSSCYIMCFVSACNDFSVRLLKDTPFITQQNFFQ
;
3
4 'polypeptide(L)' GAQVSTQKTGAHETGLNASGNSIIHYTNINYYKDAASNSANRQDFTQDPGKFTEPVKDIMIKSLPALN 4
#
loop_
_chem_comp.id
_chem_comp.type
_chem_comp.name
_chem_comp.formula
MYR non-polymer 'MYRISTIC ACID' 'C14 H28 O2'
PLM non-polymer 'PALMITIC ACID' 'C16 H32 O2'
#
# COMPACT_ATOMS: atom_id res chain seq x y z
N ALA A 9 22.01 6.72 11.83
CA ALA A 9 22.83 7.61 12.71
C ALA A 9 22.15 8.99 12.99
N ALA A 10 22.55 10.02 12.23
CA ALA A 10 22.04 11.41 12.38
C ALA A 10 20.53 11.60 12.32
N ILE A 11 19.82 10.87 13.17
CA ILE A 11 18.37 10.92 13.22
C ILE A 11 17.90 10.23 11.95
N GLY A 12 18.10 10.87 10.80
CA GLY A 12 17.67 10.30 9.54
C GLY A 12 18.71 9.65 8.64
N ARG A 13 19.94 9.55 9.12
CA ARG A 13 21.01 8.93 8.32
C ARG A 13 20.65 7.50 7.99
N VAL A 14 21.46 6.90 7.13
CA VAL A 14 21.23 5.54 6.72
C VAL A 14 22.31 4.68 7.35
N ALA A 15 22.08 3.38 7.43
CA ALA A 15 23.06 2.49 8.04
C ALA A 15 24.39 2.51 7.29
N ASP A 16 25.48 2.41 8.04
CA ASP A 16 26.80 2.41 7.46
C ASP A 16 27.15 0.98 7.08
N THR A 17 28.04 0.80 6.11
CA THR A 17 28.40 -0.56 5.69
C THR A 17 29.54 -1.09 6.53
N VAL A 18 29.23 -2.17 7.25
CA VAL A 18 30.19 -2.82 8.12
C VAL A 18 31.18 -3.69 7.36
N GLY A 19 32.47 -3.35 7.44
CA GLY A 19 33.49 -4.13 6.77
C GLY A 19 33.49 -5.58 7.23
N THR A 20 33.62 -6.50 6.28
CA THR A 20 33.60 -7.95 6.55
C THR A 20 34.75 -8.66 5.84
N GLY A 21 35.07 -9.85 6.34
CA GLY A 21 36.14 -10.64 5.76
C GLY A 21 35.66 -12.04 5.44
N PRO A 22 36.59 -12.93 5.09
CA PRO A 22 36.26 -14.31 4.76
C PRO A 22 35.55 -15.03 5.91
N THR A 23 34.59 -15.89 5.57
CA THR A 23 33.82 -16.67 6.55
C THR A 23 33.91 -18.15 6.19
N ASN A 24 33.47 -19.01 7.10
CA ASN A 24 33.44 -20.45 6.91
C ASN A 24 32.91 -21.07 8.19
N SER A 25 31.72 -20.65 8.57
CA SER A 25 31.10 -21.15 9.78
C SER A 25 29.79 -21.79 9.38
N GLU A 26 28.97 -22.10 10.37
CA GLU A 26 27.68 -22.66 10.08
C GLU A 26 26.61 -21.58 10.23
N ALA A 27 27.04 -20.32 10.22
CA ALA A 27 26.12 -19.19 10.31
C ALA A 27 25.52 -19.02 8.93
N ILE A 28 24.21 -19.01 8.84
CA ILE A 28 23.54 -18.89 7.54
C ILE A 28 22.64 -17.67 7.39
N PRO A 29 23.26 -16.51 7.17
CA PRO A 29 22.53 -15.26 6.99
C PRO A 29 21.69 -15.38 5.71
N ALA A 30 22.32 -15.90 4.67
CA ALA A 30 21.70 -16.07 3.35
C ALA A 30 20.55 -17.07 3.28
N LEU A 31 20.54 -18.10 4.12
CA LEU A 31 19.43 -19.06 4.08
C LEU A 31 18.38 -18.63 5.07
N THR A 32 17.14 -18.53 4.60
CA THR A 32 16.02 -18.15 5.45
C THR A 32 14.76 -18.88 4.98
N ALA A 33 13.58 -18.35 5.31
CA ALA A 33 12.31 -18.97 4.92
C ALA A 33 11.17 -17.94 4.82
N ALA A 34 11.02 -17.35 3.63
CA ALA A 34 10.00 -16.35 3.36
C ALA A 34 8.59 -16.71 3.81
N GLU A 35 8.32 -17.99 3.99
CA GLU A 35 7.01 -18.44 4.43
C GLU A 35 6.61 -17.78 5.73
N THR A 36 7.59 -17.52 6.59
CA THR A 36 7.33 -16.89 7.89
C THR A 36 6.56 -15.59 7.75
N GLY A 37 6.83 -14.85 6.68
CA GLY A 37 6.16 -13.58 6.44
C GLY A 37 7.11 -12.48 6.84
N HIS A 38 8.29 -12.91 7.23
CA HIS A 38 9.38 -12.07 7.71
C HIS A 38 10.28 -11.70 6.55
N THR A 39 10.69 -10.44 6.46
CA THR A 39 11.59 -10.04 5.38
C THR A 39 13.04 -10.21 5.86
N SER A 40 13.90 -10.79 5.04
CA SER A 40 15.29 -10.97 5.45
C SER A 40 15.99 -9.65 5.82
N GLN A 41 16.92 -9.74 6.77
CA GLN A 41 17.67 -8.58 7.26
C GLN A 41 19.13 -8.64 6.83
N VAL A 42 19.39 -9.39 5.77
CA VAL A 42 20.73 -9.53 5.25
C VAL A 42 21.28 -8.18 4.75
N VAL A 43 22.60 -8.04 4.81
CA VAL A 43 23.28 -6.85 4.32
C VAL A 43 24.52 -7.32 3.59
N PRO A 44 24.99 -6.55 2.61
CA PRO A 44 26.17 -6.92 1.83
C PRO A 44 27.18 -7.81 2.54
N GLY A 45 27.70 -7.35 3.68
CA GLY A 45 28.70 -8.10 4.43
C GLY A 45 28.38 -9.54 4.77
N ASP A 46 27.09 -9.87 4.78
CA ASP A 46 26.64 -11.23 5.10
C ASP A 46 26.96 -12.26 4.02
N THR A 47 26.99 -11.83 2.75
CA THR A 47 27.27 -12.78 1.67
C THR A 47 28.43 -12.38 0.78
N MET A 48 29.40 -11.65 1.33
CA MET A 48 30.55 -11.20 0.55
C MET A 48 31.43 -10.27 1.39
N GLN A 49 32.74 -10.36 1.19
CA GLN A 49 33.65 -9.50 1.91
C GLN A 49 33.36 -8.06 1.53
N THR A 50 33.14 -7.21 2.52
CA THR A 50 32.87 -5.79 2.25
C THR A 50 33.95 -4.93 2.91
N ARG A 51 33.99 -3.68 2.51
CA ARG A 51 34.93 -2.74 3.08
C ARG A 51 34.05 -1.98 4.07
N HIS A 52 34.63 -1.02 4.78
CA HIS A 52 33.82 -0.25 5.71
C HIS A 52 33.43 1.03 4.99
N VAL A 53 32.17 1.43 5.15
CA VAL A 53 31.73 2.64 4.49
C VAL A 53 30.91 3.49 5.43
N LYS A 54 31.41 4.70 5.70
CA LYS A 54 30.68 5.64 6.54
C LYS A 54 29.69 6.27 5.58
N ASN A 55 28.42 5.88 5.70
CA ASN A 55 27.39 6.39 4.82
C ASN A 55 26.67 7.60 5.43
N TYR A 56 26.68 8.72 4.70
CA TYR A 56 26.03 9.95 5.17
C TYR A 56 24.67 10.22 4.52
N HIS A 57 24.22 9.30 3.67
CA HIS A 57 22.95 9.45 2.97
C HIS A 57 21.80 9.56 3.95
N SER A 58 20.93 10.53 3.72
CA SER A 58 19.80 10.72 4.59
C SER A 58 18.51 10.27 3.90
N ARG A 59 17.50 9.92 4.69
CA ARG A 59 16.23 9.50 4.14
C ARG A 59 15.23 10.62 4.38
N SER A 60 15.75 11.85 4.50
CA SER A 60 14.90 12.99 4.77
C SER A 60 13.73 13.19 3.80
N GLU A 61 13.97 13.04 2.50
CA GLU A 61 12.91 13.23 1.52
C GLU A 61 11.91 12.09 1.39
N SER A 62 12.00 11.08 2.25
CA SER A 62 11.10 9.92 2.23
C SER A 62 10.09 9.94 3.38
N THR A 63 10.13 10.95 4.23
CA THR A 63 9.21 11.01 5.36
C THR A 63 7.80 11.14 4.83
N ILE A 64 6.85 10.56 5.52
CA ILE A 64 5.46 10.65 5.09
C ILE A 64 5.11 12.10 4.82
N GLU A 65 5.65 13.00 5.62
CA GLU A 65 5.35 14.42 5.46
C GLU A 65 5.91 14.98 4.15
N ASN A 66 7.19 14.76 3.89
CA ASN A 66 7.77 15.29 2.67
C ASN A 66 7.19 14.68 1.41
N PHE A 67 6.70 13.47 1.52
CA PHE A 67 6.11 12.75 0.40
C PHE A 67 4.73 13.29 0.03
N LEU A 68 3.91 13.65 1.02
CA LEU A 68 2.58 14.19 0.74
C LEU A 68 2.47 15.70 0.86
N CYS A 69 3.59 16.37 1.10
CA CYS A 69 3.50 17.81 1.29
C CYS A 69 3.95 18.66 0.12
N ARG A 70 3.08 18.74 -0.88
CA ARG A 70 3.30 19.54 -2.08
C ARG A 70 1.92 19.85 -2.61
N SER A 71 1.63 21.12 -2.89
CA SER A 71 0.33 21.50 -3.40
C SER A 71 0.01 20.67 -4.63
N ALA A 72 -1.24 20.23 -4.74
CA ALA A 72 -1.67 19.42 -5.87
C ALA A 72 -3.05 19.88 -6.34
N CYS A 73 -3.18 20.17 -7.63
CA CYS A 73 -4.47 20.60 -8.16
C CYS A 73 -5.36 19.36 -8.15
N VAL A 74 -6.41 19.39 -7.34
CA VAL A 74 -7.31 18.24 -7.24
C VAL A 74 -8.58 18.39 -8.06
N TYR A 75 -8.79 19.59 -8.58
CA TYR A 75 -9.98 19.85 -9.37
C TYR A 75 -10.07 21.31 -9.83
N PHE A 76 -10.94 21.56 -10.79
CA PHE A 76 -11.16 22.92 -11.29
C PHE A 76 -12.37 22.97 -12.23
N THR A 77 -13.16 24.03 -12.09
CA THR A 77 -14.35 24.24 -12.91
C THR A 77 -14.30 25.69 -13.31
N GLU A 78 -15.34 26.13 -13.99
CA GLU A 78 -15.44 27.52 -14.43
C GLU A 78 -16.84 28.04 -14.26
N TYR A 79 -16.93 29.36 -14.19
CA TYR A 79 -18.20 30.05 -14.05
C TYR A 79 -18.02 31.31 -14.88
N GLU A 80 -19.11 31.80 -15.47
CA GLU A 80 -19.01 32.96 -16.33
C GLU A 80 -19.63 34.26 -15.87
N ASN A 81 -19.11 35.31 -16.49
CA ASN A 81 -19.50 36.68 -16.27
C ASN A 81 -21.02 36.75 -16.25
N SER A 82 -21.63 36.14 -17.26
CA SER A 82 -23.07 36.12 -17.40
C SER A 82 -23.51 34.83 -18.11
N GLY A 83 -24.81 34.71 -18.38
CA GLY A 83 -25.29 33.54 -19.06
C GLY A 83 -25.93 32.52 -18.15
N ALA A 84 -25.75 31.24 -18.49
CA ALA A 84 -26.32 30.14 -17.73
C ALA A 84 -25.60 29.81 -16.43
N LYS A 85 -24.31 29.51 -16.54
CA LYS A 85 -23.51 29.17 -15.35
C LYS A 85 -22.78 30.42 -14.88
N ARG A 86 -23.38 31.14 -13.94
CA ARG A 86 -22.77 32.35 -13.42
C ARG A 86 -22.01 32.12 -12.12
N TYR A 87 -22.13 30.91 -11.57
CA TYR A 87 -21.43 30.56 -10.35
C TYR A 87 -21.06 29.09 -10.40
N ALA A 88 -19.94 28.72 -9.79
CA ALA A 88 -19.50 27.33 -9.80
C ALA A 88 -19.84 26.62 -8.50
N GLU A 89 -19.77 25.28 -8.52
CA GLU A 89 -20.05 24.50 -7.33
C GLU A 89 -19.33 23.17 -7.47
N TRP A 90 -18.74 22.71 -6.38
CA TRP A 90 -17.99 21.46 -6.37
C TRP A 90 -18.06 20.69 -5.06
N VAL A 91 -18.57 19.46 -5.14
CA VAL A 91 -18.63 18.63 -3.95
C VAL A 91 -17.17 18.27 -3.71
N ILE A 92 -16.65 18.73 -2.58
CA ILE A 92 -15.26 18.50 -2.22
C ILE A 92 -14.81 17.05 -2.22
N THR A 93 -13.71 16.80 -2.93
CA THR A 93 -13.13 15.46 -3.02
C THR A 93 -11.73 15.47 -3.62
N PRO A 94 -10.87 14.57 -3.13
CA PRO A 94 -9.49 14.45 -3.59
C PRO A 94 -9.37 13.34 -4.64
N ARG A 95 -10.48 12.66 -4.91
CA ARG A 95 -10.47 11.54 -5.83
C ARG A 95 -10.80 11.82 -7.31
N GLN A 96 -10.90 13.09 -7.69
CA GLN A 96 -11.18 13.39 -9.09
C GLN A 96 -9.86 13.58 -9.83
N ALA A 97 -8.79 13.86 -9.09
CA ALA A 97 -7.47 14.01 -9.70
C ALA A 97 -6.77 12.70 -9.41
N ALA A 98 -5.92 12.25 -10.30
CA ALA A 98 -5.26 10.97 -10.09
C ALA A 98 -3.93 11.06 -9.39
N GLN A 99 -3.18 12.13 -9.64
CA GLN A 99 -1.86 12.34 -9.03
C GLN A 99 -1.89 12.16 -7.50
N LEU A 100 -2.46 13.15 -6.81
CA LEU A 100 -2.56 13.15 -5.35
C LEU A 100 -3.30 11.96 -4.78
N ARG A 101 -4.39 11.60 -5.45
CA ARG A 101 -5.18 10.47 -4.99
C ARG A 101 -4.34 9.19 -4.93
N ARG A 102 -3.47 8.93 -5.90
CA ARG A 102 -2.70 7.70 -5.84
C ARG A 102 -1.71 7.67 -4.68
N LYS A 103 -1.21 8.86 -4.31
CA LYS A 103 -0.27 8.95 -3.19
C LYS A 103 -1.02 8.71 -1.90
N LEU A 104 -2.06 9.49 -1.64
CA LEU A 104 -2.84 9.27 -0.42
C LEU A 104 -3.25 7.82 -0.26
N GLU A 105 -3.57 7.16 -1.38
CA GLU A 105 -4.04 5.77 -1.34
C GLU A 105 -2.91 4.79 -1.14
N PHE A 106 -1.74 5.31 -0.79
CA PHE A 106 -0.57 4.48 -0.53
C PHE A 106 -0.76 3.89 0.87
N PHE A 107 -1.68 4.51 1.63
CA PHE A 107 -1.98 4.12 3.01
C PHE A 107 -3.49 3.97 3.21
N THR A 108 -3.88 3.05 4.07
CA THR A 108 -5.29 2.83 4.33
C THR A 108 -5.96 4.00 5.03
N TYR A 109 -5.45 4.39 6.20
CA TYR A 109 -6.02 5.52 6.94
C TYR A 109 -4.98 6.63 6.98
N VAL A 110 -5.43 7.88 7.03
CA VAL A 110 -4.52 9.00 7.04
C VAL A 110 -5.09 10.13 7.86
N ARG A 111 -4.21 10.96 8.41
CA ARG A 111 -4.62 12.09 9.22
C ARG A 111 -3.69 13.25 8.92
N PHE A 112 -4.26 14.41 8.64
CA PHE A 112 -3.45 15.58 8.34
C PHE A 112 -4.27 16.84 8.28
N ASP A 113 -3.57 17.97 8.36
CA ASP A 113 -4.22 19.26 8.25
C ASP A 113 -4.07 19.55 6.78
N LEU A 114 -4.75 20.55 6.27
CA LEU A 114 -4.63 20.82 4.85
C LEU A 114 -4.41 22.27 4.50
N GLU A 115 -3.42 22.52 3.65
CA GLU A 115 -3.15 23.87 3.19
C GLU A 115 -3.86 24.07 1.84
N LEU A 116 -4.87 24.92 1.84
CA LEU A 116 -5.63 25.19 0.63
C LEU A 116 -5.09 26.37 -0.15
N THR A 117 -4.95 26.19 -1.45
CA THR A 117 -4.48 27.27 -2.33
C THR A 117 -5.40 27.32 -3.55
N PHE A 118 -5.78 28.51 -3.97
CA PHE A 118 -6.64 28.69 -5.13
C PHE A 118 -5.98 29.53 -6.21
N VAL A 119 -6.02 29.02 -7.44
CA VAL A 119 -5.49 29.75 -8.58
C VAL A 119 -6.70 30.13 -9.42
N ILE A 120 -7.03 31.42 -9.40
CA ILE A 120 -8.17 31.95 -10.11
C ILE A 120 -7.73 32.81 -11.28
N THR A 121 -8.14 32.39 -12.48
CA THR A 121 -7.80 33.07 -13.73
C THR A 121 -9.02 33.32 -14.59
N SER A 122 -9.00 34.43 -15.32
CA SER A 122 -10.12 34.76 -16.19
C SER A 122 -9.70 34.93 -17.64
N THR A 123 -10.64 34.67 -18.55
CA THR A 123 -10.40 34.82 -19.98
C THR A 123 -11.61 35.44 -20.67
N GLN A 124 -11.35 36.44 -21.52
CA GLN A 124 -12.40 37.14 -22.26
C GLN A 124 -12.99 36.23 -23.32
N GLN A 125 -14.31 36.11 -23.30
CA GLN A 125 -15.01 35.28 -24.26
C GLN A 125 -15.27 36.02 -25.57
N PRO A 126 -15.29 35.27 -26.70
CA PRO A 126 -15.53 35.90 -28.00
C PRO A 126 -17.00 36.34 -28.12
N SER A 127 -17.21 37.60 -28.49
CA SER A 127 -18.57 38.13 -28.65
C SER A 127 -18.53 39.26 -29.66
N THR A 128 -19.65 39.96 -29.81
CA THR A 128 -19.74 41.05 -30.76
C THR A 128 -20.05 42.37 -30.05
N THR A 129 -19.71 42.44 -28.77
CA THR A 129 -19.96 43.65 -27.99
C THR A 129 -18.93 44.73 -28.30
N GLN A 130 -19.43 45.92 -28.60
CA GLN A 130 -18.58 47.05 -28.94
C GLN A 130 -18.02 47.72 -27.69
N ASN A 131 -16.85 48.34 -27.81
CA ASN A 131 -16.22 49.03 -26.69
C ASN A 131 -16.36 48.31 -25.36
N GLN A 132 -15.54 47.30 -25.14
CA GLN A 132 -15.56 46.58 -23.86
C GLN A 132 -14.48 47.25 -23.02
N ASP A 133 -14.74 47.44 -21.73
CA ASP A 133 -13.78 48.11 -20.85
C ASP A 133 -13.91 47.51 -19.45
N ALA A 134 -13.38 46.30 -19.30
CA ALA A 134 -13.44 45.56 -18.04
C ALA A 134 -12.82 46.26 -16.84
N GLN A 135 -13.49 46.12 -15.70
CA GLN A 135 -13.03 46.67 -14.43
C GLN A 135 -12.35 45.47 -13.75
N ILE A 136 -11.56 45.69 -12.71
CA ILE A 136 -10.90 44.55 -12.08
C ILE A 136 -11.88 43.60 -11.42
N LEU A 137 -11.71 42.32 -11.71
CA LEU A 137 -12.56 41.27 -11.17
C LEU A 137 -12.29 40.91 -9.72
N THR A 138 -13.36 40.68 -8.96
CA THR A 138 -13.26 40.28 -7.56
C THR A 138 -14.10 39.02 -7.40
N HIS A 139 -13.47 37.93 -6.98
CA HIS A 139 -14.20 36.68 -6.81
C HIS A 139 -14.53 36.40 -5.35
N GLN A 140 -15.37 35.38 -5.14
CA GLN A 140 -15.76 34.94 -3.80
C GLN A 140 -15.92 33.41 -3.78
N ILE A 141 -15.10 32.74 -2.97
CA ILE A 141 -15.20 31.31 -2.85
C ILE A 141 -15.88 31.13 -1.51
N MET A 142 -16.78 30.16 -1.40
CA MET A 142 -17.49 29.96 -0.16
C MET A 142 -17.67 28.49 0.09
N TYR A 143 -17.47 28.09 1.34
CA TYR A 143 -17.59 26.70 1.72
C TYR A 143 -18.89 26.46 2.46
N VAL A 144 -19.62 25.42 2.06
CA VAL A 144 -20.87 25.12 2.73
C VAL A 144 -20.79 23.71 3.27
N PRO A 145 -20.62 23.58 4.59
CA PRO A 145 -20.53 22.31 5.30
C PRO A 145 -21.85 21.56 5.15
N PRO A 146 -21.80 20.23 5.10
CA PRO A 146 -23.03 19.46 4.96
C PRO A 146 -24.15 19.87 5.90
N GLY A 147 -25.24 20.34 5.32
CA GLY A 147 -26.41 20.75 6.08
C GLY A 147 -26.73 22.22 5.92
N GLY A 148 -25.84 22.98 5.29
CA GLY A 148 -26.07 24.39 5.13
C GLY A 148 -26.73 24.84 3.84
N PRO A 149 -27.46 25.96 3.88
CA PRO A 149 -28.15 26.51 2.70
C PRO A 149 -27.19 26.69 1.54
N VAL A 150 -27.66 26.34 0.35
CA VAL A 150 -26.86 26.43 -0.86
C VAL A 150 -27.33 27.57 -1.76
N PRO A 151 -26.41 28.15 -2.54
CA PRO A 151 -26.82 29.24 -3.41
C PRO A 151 -27.50 28.66 -4.64
N ASP A 152 -28.61 29.27 -5.05
CA ASP A 152 -29.34 28.81 -6.23
C ASP A 152 -29.09 29.76 -7.40
N LYS A 153 -28.52 30.93 -7.09
CA LYS A 153 -28.23 31.96 -8.09
C LYS A 153 -27.10 32.86 -7.59
N VAL A 154 -26.32 33.43 -8.51
CA VAL A 154 -25.21 34.29 -8.14
C VAL A 154 -25.54 35.43 -7.18
N ASP A 155 -26.80 35.67 -6.90
CA ASP A 155 -27.12 36.75 -5.97
C ASP A 155 -28.04 36.28 -4.86
N SER A 156 -27.91 35.00 -4.51
CA SER A 156 -28.68 34.39 -3.44
C SER A 156 -28.21 35.00 -2.11
N TYR A 157 -29.09 35.03 -1.11
CA TYR A 157 -28.76 35.59 0.21
C TYR A 157 -27.62 34.79 0.85
N VAL A 158 -27.53 33.51 0.51
CA VAL A 158 -26.49 32.64 1.04
C VAL A 158 -25.06 33.19 0.99
N TRP A 159 -24.72 34.00 -0.02
CA TRP A 159 -23.36 34.54 -0.11
C TRP A 159 -23.06 35.60 0.95
N GLN A 160 -23.95 35.71 1.94
CA GLN A 160 -23.79 36.63 3.07
C GLN A 160 -22.67 36.09 3.96
N THR A 161 -22.60 34.76 4.04
CA THR A 161 -21.59 34.06 4.84
C THR A 161 -21.42 34.55 6.28
N SER A 162 -22.51 34.92 6.94
CA SER A 162 -22.42 35.38 8.32
C SER A 162 -21.62 34.37 9.15
N THR A 163 -21.74 33.10 8.78
CA THR A 163 -21.06 32.04 9.50
C THR A 163 -20.21 31.14 8.62
N ASN A 164 -20.65 30.88 7.39
CA ASN A 164 -19.87 30.06 6.48
C ASN A 164 -18.53 30.74 6.21
N PRO A 165 -17.45 29.97 6.14
CA PRO A 165 -16.19 30.67 5.87
C PRO A 165 -16.07 30.91 4.36
N SER A 166 -15.59 32.07 3.96
CA SER A 166 -15.39 32.34 2.54
C SER A 166 -14.30 33.37 2.30
N VAL A 167 -13.60 33.27 1.17
CA VAL A 167 -12.53 34.20 0.85
C VAL A 167 -12.96 35.12 -0.27
N PHE A 168 -12.46 36.34 -0.23
CA PHE A 168 -12.74 37.30 -1.27
C PHE A 168 -11.39 37.63 -1.85
N TRP A 169 -11.27 37.49 -3.16
CA TRP A 169 -10.01 37.73 -3.82
C TRP A 169 -10.17 38.65 -5.02
N THR A 170 -9.09 39.30 -5.39
CA THR A 170 -9.12 40.23 -6.51
C THR A 170 -7.99 39.94 -7.46
N GLU A 171 -8.30 39.74 -8.73
CA GLU A 171 -7.28 39.42 -9.71
C GLU A 171 -6.08 40.33 -9.62
N GLY A 172 -4.89 39.74 -9.79
CA GLY A 172 -3.66 40.49 -9.72
C GLY A 172 -2.86 40.12 -8.48
N ASN A 173 -3.57 39.96 -7.36
CA ASN A 173 -2.96 39.60 -6.07
C ASN A 173 -2.50 38.14 -6.03
N ALA A 174 -1.68 37.82 -5.04
CA ALA A 174 -1.20 36.47 -4.92
C ALA A 174 -2.38 35.53 -4.73
N PRO A 175 -2.20 34.26 -5.09
CA PRO A 175 -3.27 33.27 -4.95
C PRO A 175 -3.82 33.28 -3.53
N PRO A 176 -5.14 33.23 -3.39
CA PRO A 176 -5.65 33.22 -2.00
C PRO A 176 -5.27 31.86 -1.38
N ARG A 177 -5.04 31.84 -0.07
CA ARG A 177 -4.65 30.60 0.63
C ARG A 177 -5.13 30.55 2.09
N MET A 178 -5.38 29.34 2.58
CA MET A 178 -5.82 29.20 3.96
C MET A 178 -5.65 27.79 4.48
N SER A 179 -5.46 27.66 5.78
CA SER A 179 -5.26 26.36 6.43
C SER A 179 -6.58 25.75 6.90
N ILE A 180 -6.66 24.43 6.85
CA ILE A 180 -7.83 23.69 7.28
C ILE A 180 -7.41 22.56 8.21
N PRO A 181 -8.05 22.48 9.38
CA PRO A 181 -7.77 21.45 10.38
C PRO A 181 -8.18 20.08 9.90
N PHE A 182 -7.77 19.06 10.64
CA PHE A 182 -8.16 17.71 10.30
C PHE A 182 -9.65 17.67 10.61
N LEU A 183 -10.47 17.68 9.57
CA LEU A 183 -11.92 17.71 9.74
C LEU A 183 -12.70 16.42 9.90
N SER A 184 -12.02 15.28 9.99
CA SER A 184 -12.77 14.04 10.11
C SER A 184 -13.68 13.91 11.33
N ILE A 185 -14.71 13.11 11.15
CA ILE A 185 -15.69 12.83 12.19
C ILE A 185 -15.10 11.66 12.98
N GLY A 186 -14.10 11.02 12.38
CA GLY A 186 -13.44 9.88 13.01
C GLY A 186 -12.03 10.23 13.43
N ASN A 187 -11.27 9.24 13.87
CA ASN A 187 -9.91 9.48 14.34
C ASN A 187 -8.86 9.56 13.24
N ALA A 188 -9.32 9.47 12.00
CA ALA A 188 -8.44 9.54 10.85
C ALA A 188 -9.29 9.47 9.58
N TYR A 189 -8.83 10.15 8.53
CA TYR A 189 -9.53 10.11 7.25
C TYR A 189 -9.37 8.68 6.79
N SER A 190 -10.40 8.13 6.15
CA SER A 190 -10.34 6.77 5.64
C SER A 190 -10.12 6.90 4.11
N ASN A 191 -9.20 6.13 3.55
CA ASN A 191 -8.98 6.21 2.10
C ASN A 191 -9.75 5.11 1.42
N PHE A 192 -10.00 4.05 2.18
CA PHE A 192 -10.76 2.91 1.70
C PHE A 192 -11.78 2.53 2.76
N TYR A 193 -12.90 1.97 2.33
CA TYR A 193 -13.97 1.56 3.23
C TYR A 193 -14.70 0.37 2.63
N ASP A 194 -14.30 -0.84 2.98
CA ASP A 194 -14.96 -2.03 2.46
C ASP A 194 -16.24 -2.24 3.23
N GLY A 195 -17.19 -1.32 3.06
CA GLY A 195 -18.46 -1.41 3.74
C GLY A 195 -19.57 -0.66 3.03
N TRP A 196 -20.73 -0.61 3.68
CA TRP A 196 -21.90 0.06 3.12
C TRP A 196 -22.35 1.19 4.01
N SER A 197 -23.34 1.94 3.52
CA SER A 197 -23.90 3.05 4.23
C SER A 197 -25.15 2.59 4.98
N GLU A 198 -25.71 1.45 4.57
CA GLU A 198 -26.91 0.93 5.19
C GLU A 198 -26.58 -0.33 5.98
N PHE A 199 -27.29 -0.57 7.07
CA PHE A 199 -27.01 -1.76 7.87
C PHE A 199 -27.50 -3.03 7.21
N SER A 200 -28.25 -2.85 6.12
CA SER A 200 -28.80 -3.95 5.36
C SER A 200 -27.79 -4.34 4.26
N ARG A 201 -26.70 -3.58 4.21
CA ARG A 201 -25.64 -3.79 3.23
C ARG A 201 -26.10 -3.36 1.84
N ASN A 202 -26.97 -2.36 1.83
CA ASN A 202 -27.54 -1.77 0.63
C ASN A 202 -26.98 -0.36 0.47
N GLY A 203 -27.77 0.51 -0.15
CA GLY A 203 -27.34 1.88 -0.34
C GLY A 203 -25.96 1.94 -0.97
N VAL A 204 -25.20 2.96 -0.60
CA VAL A 204 -23.86 3.17 -1.13
C VAL A 204 -22.82 2.14 -0.70
N TYR A 205 -21.77 2.00 -1.50
CA TYR A 205 -20.71 1.08 -1.16
C TYR A 205 -19.38 1.74 -1.47
N GLY A 206 -18.42 1.56 -0.57
CA GLY A 206 -17.10 2.12 -0.79
C GLY A 206 -16.80 3.49 -0.21
N ILE A 207 -15.58 3.93 -0.44
CA ILE A 207 -15.10 5.20 0.07
C ILE A 207 -16.13 6.32 0.11
N ASN A 208 -16.96 6.43 -0.92
CA ASN A 208 -17.93 7.53 -0.94
C ASN A 208 -19.00 7.52 0.15
N THR A 209 -19.12 6.45 0.94
CA THR A 209 -20.13 6.48 1.98
C THR A 209 -19.63 7.33 3.15
N LEU A 210 -18.33 7.61 3.16
CA LEU A 210 -17.71 8.40 4.23
C LEU A 210 -17.48 9.84 3.86
N ASN A 211 -17.43 10.11 2.56
CA ASN A 211 -17.20 11.47 2.09
C ASN A 211 -18.40 12.37 2.31
N ASN A 212 -18.27 13.29 3.26
CA ASN A 212 -19.34 14.25 3.53
C ASN A 212 -18.63 15.53 3.90
N MET A 213 -17.71 15.94 3.03
CA MET A 213 -16.92 17.14 3.24
C MET A 213 -17.59 18.42 2.76
N GLY A 214 -18.86 18.34 2.43
CA GLY A 214 -19.56 19.54 1.97
C GLY A 214 -19.24 20.02 0.56
N THR A 215 -19.70 21.23 0.24
CA THR A 215 -19.50 21.79 -1.08
C THR A 215 -18.84 23.17 -1.10
N LEU A 216 -18.10 23.41 -2.18
CA LEU A 216 -17.41 24.67 -2.39
C LEU A 216 -18.16 25.44 -3.48
N TYR A 217 -18.31 26.76 -3.32
CA TYR A 217 -19.01 27.57 -4.33
C TYR A 217 -18.21 28.82 -4.69
N ALA A 218 -18.04 29.07 -5.98
CA ALA A 218 -17.32 30.24 -6.44
C ALA A 218 -18.24 31.09 -7.29
N ARG A 219 -17.89 32.37 -7.45
CA ARG A 219 -18.69 33.28 -8.24
C ARG A 219 -17.93 34.59 -8.36
N HIS A 220 -18.40 35.49 -9.19
CA HIS A 220 -17.77 36.80 -9.30
C HIS A 220 -18.56 37.62 -8.30
N VAL A 221 -18.09 38.81 -8.00
CA VAL A 221 -18.79 39.69 -7.07
C VAL A 221 -19.28 40.84 -7.93
N ASN A 222 -18.54 41.09 -8.99
CA ASN A 222 -18.87 42.13 -9.94
C ASN A 222 -18.76 41.49 -11.34
N ALA A 223 -19.50 42.04 -12.30
CA ALA A 223 -19.48 41.52 -13.67
C ALA A 223 -18.27 42.08 -14.43
N GLY A 224 -17.79 43.23 -13.99
CA GLY A 224 -16.63 43.83 -14.62
C GLY A 224 -16.89 44.58 -15.90
N SER A 225 -17.01 43.85 -17.01
CA SER A 225 -17.26 44.48 -18.30
C SER A 225 -18.62 44.11 -18.89
N THR A 226 -18.96 44.78 -19.98
CA THR A 226 -20.19 44.55 -20.72
C THR A 226 -20.01 43.24 -21.47
N GLY A 227 -18.78 43.00 -21.92
CA GLY A 227 -18.48 41.77 -22.63
C GLY A 227 -18.58 40.55 -21.74
N PRO A 228 -18.53 39.35 -22.30
CA PRO A 228 -18.61 38.11 -21.52
C PRO A 228 -17.24 37.62 -21.10
N ILE A 229 -17.12 37.19 -19.85
CA ILE A 229 -15.84 36.68 -19.35
C ILE A 229 -16.03 35.34 -18.67
N LYS A 230 -15.09 34.43 -18.87
CA LYS A 230 -15.16 33.13 -18.23
C LYS A 230 -13.98 33.01 -17.24
N SER A 231 -14.26 32.55 -16.03
CA SER A 231 -13.22 32.40 -15.01
C SER A 231 -13.05 30.94 -14.61
N THR A 232 -11.80 30.51 -14.47
CA THR A 232 -11.48 29.14 -14.07
C THR A 232 -10.92 29.19 -12.64
N ILE A 233 -11.36 28.26 -11.79
CA ILE A 233 -10.85 28.22 -10.41
C ILE A 233 -10.20 26.88 -10.16
N ARG A 234 -8.90 26.89 -9.90
CA ARG A 234 -8.15 25.67 -9.61
C ARG A 234 -7.94 25.46 -8.11
N ILE A 235 -8.39 24.32 -7.60
CA ILE A 235 -8.27 23.98 -6.18
C ILE A 235 -7.06 23.09 -5.91
N TYR A 236 -6.18 23.55 -5.01
CA TYR A 236 -5.00 22.77 -4.65
C TYR A 236 -5.03 22.35 -3.19
N PHE A 237 -4.60 21.12 -2.97
CA PHE A 237 -4.53 20.53 -1.64
C PHE A 237 -3.06 20.33 -1.28
N LYS A 238 -2.74 20.49 -0.01
CA LYS A 238 -1.37 20.27 0.47
C LYS A 238 -1.47 19.77 1.90
N PRO A 239 -1.34 18.45 2.09
CA PRO A 239 -1.41 17.89 3.45
C PRO A 239 -0.25 18.35 4.32
N LYS A 240 -0.56 18.72 5.55
CA LYS A 240 0.40 19.19 6.54
C LYS A 240 0.20 18.41 7.83
N HIS A 241 1.29 18.13 8.54
CA HIS A 241 1.17 17.44 9.82
C HIS A 241 0.54 16.09 9.58
N VAL A 242 1.18 15.33 8.71
CA VAL A 242 0.69 14.04 8.32
C VAL A 242 1.04 12.85 9.20
N LYS A 243 0.08 11.94 9.30
CA LYS A 243 0.25 10.71 10.04
C LYS A 243 -0.50 9.70 9.17
N ALA A 244 0.17 8.62 8.81
CA ALA A 244 -0.41 7.60 7.96
C ALA A 244 -0.24 6.21 8.56
N TRP A 245 -1.25 5.35 8.35
CA TRP A 245 -1.23 3.97 8.86
C TRP A 245 -1.60 2.92 7.81
N ILE A 246 -1.06 1.72 8.02
CA ILE A 246 -1.28 0.56 7.17
C ILE A 246 -1.04 0.80 5.69
N PRO A 247 0.23 0.73 5.26
CA PRO A 247 0.51 0.96 3.85
C PRO A 247 -0.12 -0.16 3.02
N ARG A 248 -0.43 0.15 1.78
CA ARG A 248 -1.04 -0.82 0.87
C ARG A 248 -0.38 -0.75 -0.51
N PRO A 249 -0.66 -1.73 -1.40
CA PRO A 249 -0.04 -1.72 -2.73
C PRO A 249 -0.48 -0.47 -3.47
N PRO A 250 0.43 0.15 -4.22
CA PRO A 250 0.10 1.36 -4.98
C PRO A 250 -0.89 0.99 -6.07
N ARG A 251 -1.74 1.94 -6.43
CA ARG A 251 -2.73 1.72 -7.47
C ARG A 251 -2.04 1.26 -8.75
N LEU A 252 -2.50 0.15 -9.34
CA LEU A 252 -1.94 -0.41 -10.57
C LEU A 252 -2.76 -0.06 -11.82
N CYS A 253 -4.06 -0.32 -11.74
CA CYS A 253 -5.00 -0.04 -12.82
C CYS A 253 -5.38 1.42 -12.81
N GLN A 254 -5.53 2.03 -13.98
CA GLN A 254 -5.91 3.44 -14.02
C GLN A 254 -7.21 3.67 -13.28
N TYR A 255 -7.44 4.91 -12.88
CA TYR A 255 -8.67 5.22 -12.17
C TYR A 255 -9.79 5.27 -13.17
N GLU A 256 -10.97 4.82 -12.76
CA GLU A 256 -12.13 4.84 -13.64
C GLU A 256 -13.20 5.81 -13.15
N LYS A 257 -13.66 5.60 -11.93
CA LYS A 257 -14.66 6.48 -11.36
C LYS A 257 -14.12 7.21 -10.14
N ALA A 258 -14.72 8.34 -9.79
CA ALA A 258 -14.25 9.13 -8.65
C ALA A 258 -14.82 8.68 -7.30
N LYS A 259 -15.97 8.03 -7.29
CA LYS A 259 -16.58 7.61 -6.03
C LYS A 259 -16.43 6.13 -5.66
N ASN A 260 -15.50 5.42 -6.31
CA ASN A 260 -15.29 4.01 -5.98
C ASN A 260 -13.97 3.57 -6.59
N VAL A 261 -13.53 2.36 -6.24
CA VAL A 261 -12.26 1.85 -6.74
C VAL A 261 -12.35 1.07 -8.04
N ASN A 262 -13.50 1.13 -8.71
CA ASN A 262 -13.68 0.39 -9.96
C ASN A 262 -12.53 0.56 -10.92
N PHE A 263 -12.11 -0.57 -11.48
CA PHE A 263 -10.99 -0.59 -12.40
C PHE A 263 -11.25 -1.55 -13.54
N GLN A 264 -10.38 -1.46 -14.53
CA GLN A 264 -10.41 -2.28 -15.72
C GLN A 264 -9.16 -3.15 -15.62
N PRO A 265 -9.31 -4.44 -15.30
CA PRO A 265 -8.18 -5.38 -15.15
C PRO A 265 -6.95 -5.06 -15.99
N SER A 266 -5.79 -4.94 -15.34
CA SER A 266 -4.55 -4.62 -16.03
C SER A 266 -3.47 -5.65 -15.78
N GLY A 267 -2.49 -5.71 -16.69
CA GLY A 267 -1.41 -6.65 -16.53
C GLY A 267 -0.55 -6.21 -15.36
N VAL A 268 0.20 -7.14 -14.79
CA VAL A 268 1.05 -6.85 -13.67
C VAL A 268 2.16 -5.84 -14.00
N THR A 269 2.70 -5.89 -15.22
CA THR A 269 3.76 -4.95 -15.67
C THR A 269 3.87 -4.93 -17.18
N THR A 270 4.79 -4.10 -17.67
CA THR A 270 5.04 -4.02 -19.09
C THR A 270 5.76 -5.35 -19.37
N THR A 271 5.85 -5.73 -20.64
CA THR A 271 6.49 -6.99 -20.98
C THR A 271 7.91 -6.83 -21.52
N ARG A 272 8.49 -7.98 -21.85
CA ARG A 272 9.82 -8.02 -22.43
C ARG A 272 9.88 -9.37 -23.14
N GLN A 273 10.86 -9.53 -24.03
CA GLN A 273 11.04 -10.75 -24.80
C GLN A 273 10.96 -12.06 -23.99
N SER A 274 12.06 -12.42 -23.33
CA SER A 274 12.14 -13.65 -22.54
C SER A 274 12.75 -13.36 -21.18
N ILE A 275 12.67 -14.33 -20.26
CA ILE A 275 13.23 -14.12 -18.93
C ILE A 275 14.74 -14.00 -18.99
N THR A 276 15.29 -13.75 -20.17
CA THR A 276 16.72 -13.59 -20.34
C THR A 276 17.06 -12.27 -21.00
N THR A 277 16.03 -11.58 -21.47
CA THR A 277 16.23 -10.31 -22.14
C THR A 277 16.53 -9.15 -21.20
N MET A 278 17.72 -8.57 -21.34
CA MET A 278 18.12 -7.46 -20.48
C MET A 278 17.52 -6.16 -20.99
N THR A 279 16.51 -6.24 -21.84
CA THR A 279 15.92 -5.04 -22.40
C THR A 279 14.42 -4.90 -22.14
N ASN A 280 13.97 -3.66 -22.06
CA ASN A 280 12.56 -3.36 -21.81
C ASN A 280 11.82 -3.36 -23.16
N THR A 281 11.33 -4.53 -23.55
CA THR A 281 10.62 -4.68 -24.82
C THR A 281 9.38 -5.57 -24.67
N GLY B 8 15.80 -30.22 22.95
CA GLY B 8 14.53 -30.70 22.32
C GLY B 8 13.46 -29.63 22.16
N TYR B 9 13.58 -28.82 21.11
CA TYR B 9 12.62 -27.75 20.83
C TYR B 9 12.69 -27.36 19.35
N SER B 10 11.53 -27.25 18.71
CA SER B 10 11.47 -26.91 17.30
C SER B 10 10.40 -25.86 17.02
N ASP B 11 10.77 -24.79 16.33
CA ASP B 11 9.81 -23.73 16.01
C ASP B 11 8.80 -24.20 14.97
N ARG B 12 9.00 -25.41 14.47
CA ARG B 12 8.11 -26.00 13.48
C ARG B 12 6.81 -26.37 14.20
N VAL B 13 6.95 -26.83 15.43
CA VAL B 13 5.80 -27.20 16.24
C VAL B 13 5.23 -25.98 16.97
N ARG B 14 3.93 -26.00 17.18
CA ARG B 14 3.27 -24.90 17.88
C ARG B 14 1.88 -25.34 18.28
N SER B 15 1.26 -24.62 19.21
CA SER B 15 -0.07 -24.93 19.70
C SER B 15 -0.72 -23.66 20.20
N ILE B 16 -1.98 -23.43 19.82
CA ILE B 16 -2.69 -22.21 20.22
C ILE B 16 -4.00 -22.56 20.90
N THR B 17 -4.26 -21.96 22.05
CA THR B 17 -5.49 -22.23 22.79
C THR B 17 -6.28 -20.93 23.00
N LEU B 18 -7.56 -20.95 22.66
CA LEU B 18 -8.42 -19.77 22.82
C LEU B 18 -9.82 -20.23 23.15
N GLY B 19 -10.18 -20.16 24.42
CA GLY B 19 -11.51 -20.60 24.83
C GLY B 19 -11.48 -22.13 24.95
N ASN B 20 -12.56 -22.79 24.54
CA ASN B 20 -12.63 -24.25 24.61
C ASN B 20 -12.09 -24.89 23.34
N SER B 21 -11.08 -24.27 22.73
CA SER B 21 -10.53 -24.79 21.49
C SER B 21 -9.01 -24.69 21.37
N THR B 22 -8.37 -25.74 20.89
CA THR B 22 -6.93 -25.71 20.70
C THR B 22 -6.54 -26.18 19.31
N ILE B 23 -5.47 -25.59 18.78
CA ILE B 23 -4.98 -25.94 17.46
C ILE B 23 -3.53 -26.37 17.55
N THR B 24 -3.14 -27.31 16.70
CA THR B 24 -1.76 -27.78 16.69
C THR B 24 -1.20 -27.87 15.29
N THR B 25 0.12 -27.72 15.16
CA THR B 25 0.81 -27.84 13.88
C THR B 25 2.16 -28.44 14.18
N GLN B 26 2.71 -29.19 13.23
CA GLN B 26 4.01 -29.78 13.44
C GLN B 26 4.89 -29.33 12.32
N GLU B 27 4.35 -28.43 11.51
CA GLU B 27 5.07 -27.91 10.36
C GLU B 27 4.66 -26.49 9.99
N CYS B 28 4.64 -25.58 10.97
CA CYS B 28 4.28 -24.20 10.68
C CYS B 28 5.55 -23.37 10.50
N ALA B 29 5.40 -22.10 10.18
CA ALA B 29 6.55 -21.22 10.03
C ALA B 29 6.60 -20.55 11.38
N ASN B 30 6.65 -19.24 11.39
CA ASN B 30 6.65 -18.57 12.66
C ASN B 30 5.16 -18.33 12.86
N VAL B 31 4.82 -17.20 13.47
CA VAL B 31 3.45 -16.77 13.65
C VAL B 31 3.60 -15.27 13.41
N VAL B 32 2.82 -14.73 12.48
CA VAL B 32 2.92 -13.31 12.19
C VAL B 32 1.96 -12.59 13.11
N VAL B 33 2.47 -11.54 13.75
CA VAL B 33 1.62 -10.77 14.62
C VAL B 33 1.40 -9.42 13.99
N GLY B 34 0.13 -9.18 13.69
CA GLY B 34 -0.35 -7.94 13.10
C GLY B 34 0.71 -6.95 12.71
N TYR B 35 0.49 -5.69 13.03
CA TYR B 35 1.49 -4.72 12.66
C TYR B 35 2.35 -4.56 13.89
N GLY B 36 2.72 -5.72 14.43
CA GLY B 36 3.53 -5.78 15.63
C GLY B 36 2.60 -5.71 16.84
N VAL B 37 1.41 -5.16 16.65
CA VAL B 37 0.45 -5.02 17.72
C VAL B 37 -0.31 -6.30 18.04
N TRP B 38 -0.53 -6.57 19.33
CA TRP B 38 -1.26 -7.75 19.76
C TRP B 38 -2.62 -7.27 20.23
N PRO B 39 -3.69 -7.97 19.82
CA PRO B 39 -5.04 -7.56 20.22
C PRO B 39 -5.22 -7.25 21.71
N ASP B 40 -6.10 -6.31 22.01
CA ASP B 40 -6.36 -5.93 23.38
C ASP B 40 -7.62 -5.07 23.43
N TYR B 41 -8.33 -5.12 24.56
CA TYR B 41 -9.55 -4.34 24.71
C TYR B 41 -9.31 -2.84 24.53
N LEU B 42 -10.39 -2.08 24.40
CA LEU B 42 -10.32 -0.64 24.19
C LEU B 42 -10.04 0.12 25.48
N LYS B 43 -9.01 0.98 25.47
CA LYS B 43 -8.66 1.77 26.65
C LYS B 43 -9.67 2.89 26.85
N ASP B 44 -9.90 3.26 28.12
CA ASP B 44 -10.85 4.31 28.47
C ASP B 44 -10.55 5.69 27.89
N SER B 45 -9.31 5.91 27.52
CA SER B 45 -8.91 7.21 26.98
C SER B 45 -8.98 7.18 25.47
N GLU B 46 -9.50 6.09 24.95
CA GLU B 46 -9.61 5.95 23.52
C GLU B 46 -11.02 5.54 23.12
N ALA B 47 -11.96 5.68 24.03
CA ALA B 47 -13.32 5.29 23.72
C ALA B 47 -14.28 6.46 23.59
N THR B 48 -15.48 6.19 23.06
CA THR B 48 -16.51 7.20 22.91
C THR B 48 -17.80 6.60 23.42
N ALA B 49 -18.07 5.36 23.02
CA ALA B 49 -19.30 4.68 23.45
C ALA B 49 -19.29 4.68 24.96
N GLU B 50 -20.25 5.39 25.56
CA GLU B 50 -20.30 5.51 27.01
C GLU B 50 -20.87 4.36 27.83
N ASP B 51 -21.54 3.43 27.19
CA ASP B 51 -22.15 2.32 27.89
C ASP B 51 -21.16 1.22 28.27
N GLN B 52 -21.53 0.43 29.26
CA GLN B 52 -20.70 -0.68 29.72
C GLN B 52 -20.62 -1.68 28.57
N PRO B 53 -19.42 -1.93 28.05
CA PRO B 53 -19.35 -2.90 26.95
C PRO B 53 -19.55 -4.33 27.49
N THR B 54 -19.62 -5.29 26.59
CA THR B 54 -19.79 -6.70 26.96
C THR B 54 -18.57 -7.43 26.43
N GLN B 55 -17.98 -8.27 27.29
CA GLN B 55 -16.82 -9.05 26.89
C GLN B 55 -17.17 -10.49 27.19
N PRO B 56 -17.74 -11.18 26.19
CA PRO B 56 -18.14 -12.59 26.33
C PRO B 56 -16.94 -13.45 26.62
N ASP B 57 -15.79 -13.02 26.11
CA ASP B 57 -14.53 -13.72 26.31
C ASP B 57 -14.49 -15.14 25.70
N VAL B 58 -14.46 -16.16 26.54
CA VAL B 58 -14.39 -17.57 26.10
C VAL B 58 -15.51 -17.99 25.15
N ALA B 59 -16.68 -17.39 25.34
CA ALA B 59 -17.84 -17.71 24.52
C ALA B 59 -17.73 -17.15 23.10
N THR B 60 -17.02 -16.05 22.95
CA THR B 60 -16.89 -15.41 21.66
C THR B 60 -15.49 -15.49 21.05
N CYS B 61 -14.48 -15.59 21.89
CA CYS B 61 -13.10 -15.63 21.41
C CYS B 61 -12.58 -17.04 21.42
N ARG B 62 -13.06 -17.82 20.47
CA ARG B 62 -12.70 -19.23 20.32
C ARG B 62 -12.42 -19.51 18.84
N PHE B 63 -12.00 -20.74 18.56
CA PHE B 63 -11.71 -21.11 17.18
C PHE B 63 -12.91 -21.64 16.41
N TYR B 64 -13.32 -20.87 15.40
CA TYR B 64 -14.42 -21.21 14.54
C TYR B 64 -13.84 -21.74 13.21
N THR B 65 -14.09 -23.00 12.90
CA THR B 65 -13.60 -23.61 11.66
C THR B 65 -14.61 -23.48 10.51
N LEU B 66 -14.27 -22.71 9.48
CA LEU B 66 -15.16 -22.49 8.34
C LEU B 66 -15.26 -23.69 7.37
N ASP B 67 -15.97 -23.50 6.25
CA ASP B 67 -16.11 -24.58 5.26
C ASP B 67 -14.79 -24.74 4.55
N SER B 68 -14.36 -25.98 4.34
CA SER B 68 -13.09 -26.20 3.65
C SER B 68 -13.25 -25.77 2.20
N VAL B 69 -12.19 -25.89 1.40
CA VAL B 69 -12.22 -25.50 0.01
C VAL B 69 -11.21 -26.35 -0.74
N GLN B 70 -11.50 -26.72 -1.99
CA GLN B 70 -10.56 -27.54 -2.72
C GLN B 70 -9.56 -26.76 -3.55
N TRP B 71 -8.31 -27.13 -3.39
CA TRP B 71 -7.24 -26.50 -4.12
C TRP B 71 -7.02 -27.40 -5.34
N GLN B 72 -7.43 -26.91 -6.51
CA GLN B 72 -7.27 -27.68 -7.75
C GLN B 72 -6.17 -27.05 -8.56
N LYS B 73 -5.53 -27.85 -9.41
CA LYS B 73 -4.43 -27.36 -10.22
C LYS B 73 -4.70 -26.02 -10.91
N THR B 74 -5.95 -25.60 -10.98
CA THR B 74 -6.27 -24.34 -11.64
C THR B 74 -6.94 -23.29 -10.78
N SER B 75 -7.26 -23.63 -9.53
CA SER B 75 -7.91 -22.67 -8.62
C SER B 75 -7.15 -21.33 -8.62
N PRO B 76 -7.88 -20.22 -8.81
CA PRO B 76 -7.23 -18.91 -8.83
C PRO B 76 -7.00 -18.36 -7.41
N GLY B 77 -7.93 -18.67 -6.51
CA GLY B 77 -7.82 -18.21 -5.15
C GLY B 77 -9.18 -18.00 -4.49
N TRP B 78 -9.16 -17.65 -3.20
CA TRP B 78 -10.37 -17.41 -2.43
C TRP B 78 -10.22 -16.16 -1.59
N TRP B 79 -11.29 -15.77 -0.90
CA TRP B 79 -11.26 -14.61 -0.03
C TRP B 79 -12.48 -14.66 0.91
N TRP B 80 -12.34 -14.06 2.10
CA TRP B 80 -13.45 -13.99 3.07
C TRP B 80 -13.40 -12.63 3.75
N LYS B 81 -14.54 -11.94 3.82
CA LYS B 81 -14.58 -10.66 4.52
C LYS B 81 -14.62 -11.13 5.98
N LEU B 82 -13.79 -10.55 6.84
CA LEU B 82 -13.72 -11.04 8.23
C LEU B 82 -14.81 -10.77 9.23
N PRO B 83 -15.23 -9.52 9.41
CA PRO B 83 -16.30 -9.38 10.41
C PRO B 83 -17.43 -10.35 10.02
N ASP B 84 -17.64 -10.45 8.70
CA ASP B 84 -18.67 -11.26 8.03
C ASP B 84 -18.57 -12.80 8.03
N ALA B 85 -17.40 -13.33 7.72
CA ALA B 85 -17.23 -14.78 7.67
C ALA B 85 -17.68 -15.52 8.92
N LEU B 86 -17.85 -14.80 10.03
CA LEU B 86 -18.28 -15.48 11.24
C LEU B 86 -19.64 -15.02 11.73
N SER B 87 -20.26 -14.09 11.02
CA SER B 87 -21.55 -13.54 11.40
C SER B 87 -22.69 -14.51 11.68
N ASN B 88 -22.47 -15.80 11.44
CA ASN B 88 -23.49 -16.80 11.71
C ASN B 88 -22.98 -17.94 12.55
N LEU B 89 -21.75 -17.81 13.02
CA LEU B 89 -21.14 -18.83 13.87
C LEU B 89 -21.28 -18.50 15.37
N GLY B 90 -21.79 -19.47 16.11
CA GLY B 90 -21.98 -19.32 17.55
C GLY B 90 -22.39 -17.98 18.12
N LEU B 91 -22.00 -17.77 19.38
CA LEU B 91 -22.33 -16.54 20.08
C LEU B 91 -21.60 -15.32 19.53
N PHE B 92 -20.54 -15.53 18.77
CA PHE B 92 -19.83 -14.38 18.20
C PHE B 92 -20.80 -13.70 17.25
N GLY B 93 -21.56 -14.51 16.54
CA GLY B 93 -22.53 -13.99 15.59
C GLY B 93 -23.71 -13.39 16.31
N GLN B 94 -24.19 -14.11 17.32
CA GLN B 94 -25.32 -13.63 18.10
C GLN B 94 -25.04 -12.25 18.69
N ASN B 95 -23.78 -12.00 19.03
CA ASN B 95 -23.43 -10.71 19.59
C ASN B 95 -23.41 -9.63 18.53
N MET B 96 -23.06 -10.00 17.32
CA MET B 96 -23.04 -9.05 16.20
C MET B 96 -24.46 -8.59 15.90
N GLN B 97 -25.38 -9.57 15.86
CA GLN B 97 -26.77 -9.27 15.58
C GLN B 97 -27.43 -8.40 16.62
N TYR B 98 -27.13 -8.65 17.89
CA TYR B 98 -27.71 -7.90 19.01
C TYR B 98 -27.08 -6.55 19.35
N HIS B 99 -25.90 -6.25 18.82
CA HIS B 99 -25.22 -5.00 19.12
C HIS B 99 -24.90 -4.11 17.93
N TYR B 100 -25.08 -2.82 18.17
CA TYR B 100 -24.79 -1.81 17.17
C TYR B 100 -23.28 -1.73 16.96
N LEU B 101 -22.52 -1.80 18.05
CA LEU B 101 -21.05 -1.69 17.96
C LEU B 101 -20.27 -2.93 18.39
N GLY B 102 -19.18 -3.17 17.68
CA GLY B 102 -18.35 -4.32 17.97
C GLY B 102 -16.91 -3.98 17.66
N ARG B 103 -15.97 -4.71 18.28
CA ARG B 103 -14.53 -4.47 18.10
C ARG B 103 -13.77 -5.77 18.31
N THR B 104 -12.93 -6.18 17.36
CA THR B 104 -12.19 -7.44 17.52
C THR B 104 -10.89 -7.51 16.78
N GLY B 105 -10.14 -8.55 17.12
CA GLY B 105 -8.88 -8.87 16.49
C GLY B 105 -9.10 -10.35 16.23
N TYR B 106 -8.21 -11.00 15.53
CA TYR B 106 -8.42 -12.43 15.27
C TYR B 106 -7.11 -13.17 15.16
N THR B 107 -7.14 -14.46 15.47
CA THR B 107 -5.99 -15.31 15.26
C THR B 107 -6.51 -16.11 14.05
N VAL B 108 -5.96 -15.82 12.88
CA VAL B 108 -6.37 -16.50 11.66
C VAL B 108 -5.44 -17.66 11.38
N HIS B 109 -5.99 -18.86 11.34
CA HIS B 109 -5.19 -20.04 11.06
C HIS B 109 -5.66 -20.79 9.80
N VAL B 110 -4.82 -20.78 8.78
CA VAL B 110 -5.09 -21.45 7.50
C VAL B 110 -4.31 -22.76 7.44
N GLN B 111 -5.04 -23.87 7.34
CA GLN B 111 -4.42 -25.20 7.28
C GLN B 111 -4.47 -25.79 5.87
N CYS B 112 -3.46 -26.58 5.54
CA CYS B 112 -3.41 -27.24 4.24
C CYS B 112 -2.21 -28.15 4.11
N ASN B 113 -2.41 -29.43 4.37
CA ASN B 113 -1.32 -30.38 4.27
C ASN B 113 -1.33 -31.07 2.92
N ALA B 114 -0.16 -31.51 2.47
CA ALA B 114 -0.04 -32.23 1.20
C ALA B 114 0.86 -33.40 1.50
N SER B 115 2.03 -33.48 0.87
CA SER B 115 2.97 -34.58 1.13
C SER B 115 4.29 -34.22 0.49
N LYS B 116 5.36 -34.89 0.91
CA LYS B 116 6.68 -34.61 0.37
C LYS B 116 6.69 -34.68 -1.17
N PHE B 117 5.62 -35.24 -1.76
CA PHE B 117 5.55 -35.37 -3.20
C PHE B 117 4.71 -34.35 -3.97
N HIS B 118 3.93 -33.55 -3.26
CA HIS B 118 3.14 -32.51 -3.92
C HIS B 118 3.95 -31.23 -3.98
N GLN B 119 3.36 -30.15 -4.49
CA GLN B 119 4.03 -28.87 -4.59
C GLN B 119 3.05 -27.77 -4.83
N GLY B 120 3.37 -26.59 -4.33
CA GLY B 120 2.49 -25.46 -4.48
C GLY B 120 2.83 -24.44 -3.41
N CYS B 121 2.35 -23.22 -3.61
CA CYS B 121 2.63 -22.18 -2.65
C CYS B 121 1.50 -21.16 -2.55
N LEU B 122 0.78 -21.22 -1.44
CA LEU B 122 -0.33 -20.30 -1.19
C LEU B 122 0.18 -19.03 -0.51
N LEU B 123 -0.59 -17.96 -0.60
CA LEU B 123 -0.22 -16.72 0.04
C LEU B 123 -1.35 -16.35 0.98
N VAL B 124 -1.21 -16.62 2.27
CA VAL B 124 -2.26 -16.26 3.22
C VAL B 124 -2.00 -14.81 3.64
N VAL B 125 -3.02 -13.96 3.50
CA VAL B 125 -2.87 -12.55 3.81
C VAL B 125 -4.11 -11.92 4.41
N CYS B 126 -3.90 -10.99 5.35
CA CYS B 126 -5.01 -10.29 5.94
C CYS B 126 -4.99 -8.88 5.43
N VAL B 127 -5.91 -8.58 4.53
CA VAL B 127 -5.96 -7.25 3.97
C VAL B 127 -6.98 -6.38 4.67
N PRO B 128 -6.51 -5.34 5.37
CA PRO B 128 -7.45 -4.48 6.07
C PRO B 128 -8.09 -3.53 5.05
N GLU B 129 -9.38 -3.28 5.22
CA GLU B 129 -10.13 -2.39 4.35
C GLU B 129 -9.98 -2.78 2.86
N ALA B 130 -10.41 -3.99 2.51
CA ALA B 130 -10.32 -4.49 1.14
C ALA B 130 -11.55 -4.15 0.29
N GLU B 131 -11.67 -2.88 -0.09
CA GLU B 131 -12.79 -2.42 -0.91
C GLU B 131 -12.58 -3.05 -2.27
N MET B 132 -13.64 -3.59 -2.86
CA MET B 132 -13.51 -4.24 -4.17
C MET B 132 -14.19 -3.54 -5.33
N GLY B 133 -13.60 -3.74 -6.51
CA GLY B 133 -14.10 -3.14 -7.73
C GLY B 133 -15.22 -3.91 -8.43
N CYS B 134 -15.85 -3.24 -9.38
CA CYS B 134 -16.97 -3.84 -10.10
C CYS B 134 -16.63 -4.15 -11.55
N ALA B 135 -17.28 -5.19 -12.09
CA ALA B 135 -17.08 -5.60 -13.47
C ALA B 135 -17.59 -4.48 -14.37
N THR B 136 -18.73 -3.89 -13.99
CA THR B 136 -19.31 -2.80 -14.77
C THR B 136 -18.96 -1.49 -14.08
N LEU B 137 -18.04 -0.75 -14.70
CA LEU B 137 -17.55 0.52 -14.17
C LEU B 137 -18.55 1.55 -13.65
N ASP B 138 -19.85 1.32 -13.84
CA ASP B 138 -20.81 2.31 -13.37
C ASP B 138 -21.55 1.89 -12.11
N ASN B 139 -21.32 0.66 -11.65
CA ASN B 139 -21.98 0.18 -10.44
C ASN B 139 -20.95 -0.26 -9.40
N THR B 140 -21.47 -0.73 -8.27
CA THR B 140 -20.63 -1.21 -7.19
C THR B 140 -21.15 -2.60 -6.83
N PRO B 141 -20.25 -3.57 -6.69
CA PRO B 141 -20.65 -4.95 -6.35
C PRO B 141 -21.70 -5.02 -5.27
N SER B 142 -22.57 -6.02 -5.38
CA SER B 142 -23.64 -6.20 -4.42
C SER B 142 -23.16 -7.02 -3.23
N SER B 143 -23.89 -6.91 -2.12
CA SER B 143 -23.53 -7.65 -0.92
C SER B 143 -23.38 -9.14 -1.24
N VAL B 144 -24.37 -9.69 -1.92
CA VAL B 144 -24.38 -11.11 -2.27
C VAL B 144 -23.19 -11.56 -3.11
N GLU B 145 -22.60 -10.63 -3.83
CA GLU B 145 -21.46 -10.93 -4.69
C GLU B 145 -20.13 -10.81 -3.92
N LEU B 146 -20.11 -10.00 -2.86
CA LEU B 146 -18.89 -9.80 -2.05
C LEU B 146 -18.78 -10.72 -0.85
N LEU B 147 -19.85 -10.81 -0.07
CA LEU B 147 -19.86 -11.63 1.13
C LEU B 147 -20.22 -13.09 0.91
N GLY B 148 -19.45 -13.98 1.51
CA GLY B 148 -19.71 -15.41 1.37
C GLY B 148 -19.92 -16.10 2.70
N GLY B 149 -19.83 -15.32 3.77
CA GLY B 149 -20.02 -15.83 5.11
C GLY B 149 -19.77 -17.30 5.39
N ASP B 150 -18.56 -17.62 5.83
CA ASP B 150 -18.14 -18.97 6.19
C ASP B 150 -17.95 -19.93 5.03
N SER B 151 -18.07 -19.40 3.82
CA SER B 151 -17.87 -20.16 2.61
C SER B 151 -17.09 -19.23 1.70
N ALA B 152 -15.90 -19.65 1.32
CA ALA B 152 -15.02 -18.84 0.48
C ALA B 152 -15.72 -18.23 -0.73
N LYS B 153 -15.08 -17.20 -1.29
CA LYS B 153 -15.55 -16.53 -2.50
C LYS B 153 -14.40 -16.73 -3.46
N GLU B 154 -14.67 -17.17 -4.67
CA GLU B 154 -13.57 -17.42 -5.59
C GLU B 154 -13.15 -16.26 -6.47
N PHE B 155 -11.85 -16.23 -6.74
CA PHE B 155 -11.27 -15.22 -7.61
C PHE B 155 -11.36 -15.85 -9.01
N ALA B 156 -11.29 -15.03 -10.04
CA ALA B 156 -11.39 -15.53 -11.41
C ALA B 156 -10.06 -15.64 -12.14
N ASP B 157 -9.93 -16.69 -12.95
CA ASP B 157 -8.72 -16.94 -13.70
C ASP B 157 -8.49 -15.87 -14.76
N LYS B 158 -9.56 -15.20 -15.18
CA LYS B 158 -9.46 -14.16 -16.19
C LYS B 158 -10.57 -13.13 -15.97
N PRO B 159 -10.43 -11.92 -16.57
CA PRO B 159 -11.40 -10.83 -16.43
C PRO B 159 -12.87 -11.23 -16.38
N VAL B 160 -13.69 -10.32 -15.87
CA VAL B 160 -15.12 -10.53 -15.78
C VAL B 160 -15.72 -9.44 -16.64
N ALA B 161 -16.66 -9.82 -17.50
CA ALA B 161 -17.28 -8.88 -18.42
C ALA B 161 -18.23 -7.87 -17.82
N SER B 162 -18.32 -6.72 -18.46
CA SER B 162 -19.20 -5.66 -18.00
C SER B 162 -20.65 -6.07 -18.23
N GLY B 163 -21.50 -5.11 -18.61
CA GLY B 163 -22.89 -5.43 -18.87
C GLY B 163 -23.86 -5.27 -17.71
N SER B 164 -24.13 -4.01 -17.36
CA SER B 164 -25.03 -3.63 -16.27
C SER B 164 -25.40 -4.68 -15.22
N ASN B 165 -24.37 -5.24 -14.58
CA ASN B 165 -24.51 -6.23 -13.53
C ASN B 165 -23.77 -5.67 -12.31
N LYS B 166 -23.99 -6.26 -11.14
CA LYS B 166 -23.29 -5.79 -9.95
C LYS B 166 -22.33 -6.89 -9.50
N LEU B 167 -21.46 -7.31 -10.43
CA LEU B 167 -20.48 -8.35 -10.18
C LEU B 167 -19.13 -7.81 -9.73
N VAL B 168 -18.30 -8.70 -9.21
CA VAL B 168 -16.99 -8.31 -8.74
C VAL B 168 -15.90 -8.64 -9.74
N GLN B 169 -15.01 -7.68 -9.95
CA GLN B 169 -13.89 -7.86 -10.86
C GLN B 169 -12.86 -8.79 -10.21
N ARG B 170 -13.28 -10.05 -10.03
CA ARG B 170 -12.49 -11.10 -9.39
C ARG B 170 -11.17 -11.54 -10.03
N VAL B 171 -10.63 -10.79 -10.99
CA VAL B 171 -9.38 -11.21 -11.63
C VAL B 171 -8.23 -11.27 -10.60
N VAL B 172 -7.80 -12.48 -10.27
CA VAL B 172 -6.77 -12.71 -9.27
C VAL B 172 -5.54 -11.83 -9.29
N TYR B 173 -4.89 -11.70 -10.45
CA TYR B 173 -3.68 -10.89 -10.47
C TYR B 173 -3.93 -9.42 -10.17
N ASN B 174 -5.17 -9.08 -9.82
CA ASN B 174 -5.52 -7.69 -9.50
C ASN B 174 -6.18 -7.60 -8.12
N ALA B 175 -6.30 -8.77 -7.48
CA ALA B 175 -6.89 -8.90 -6.16
C ALA B 175 -8.22 -8.17 -6.03
N GLY B 176 -8.86 -7.91 -7.16
CA GLY B 176 -10.14 -7.22 -7.14
C GLY B 176 -10.06 -5.85 -6.49
N MET B 177 -8.88 -5.24 -6.54
CA MET B 177 -8.67 -3.93 -5.96
C MET B 177 -7.90 -3.04 -6.92
N GLY B 178 -7.50 -3.60 -8.05
CA GLY B 178 -6.80 -2.80 -9.03
C GLY B 178 -5.39 -2.48 -8.61
N VAL B 179 -4.70 -3.46 -8.05
CA VAL B 179 -3.32 -3.30 -7.58
C VAL B 179 -2.54 -4.56 -7.94
N GLY B 180 -1.22 -4.51 -7.83
CA GLY B 180 -0.44 -5.69 -8.14
C GLY B 180 -0.65 -6.77 -7.06
N VAL B 181 -1.11 -7.94 -7.45
CA VAL B 181 -1.34 -9.01 -6.48
C VAL B 181 -0.05 -9.36 -5.74
N GLY B 182 1.09 -9.19 -6.41
CA GLY B 182 2.37 -9.52 -5.82
C GLY B 182 2.90 -8.54 -4.78
N ASN B 183 2.15 -7.45 -4.58
CA ASN B 183 2.48 -6.44 -3.61
C ASN B 183 1.55 -6.60 -2.40
N LEU B 184 0.89 -7.74 -2.26
CA LEU B 184 0.01 -7.92 -1.13
C LEU B 184 0.79 -8.17 0.15
N THR B 185 2.10 -8.29 0.02
CA THR B 185 2.95 -8.56 1.18
C THR B 185 3.05 -7.43 2.22
N ILE B 186 2.68 -6.20 1.87
CA ILE B 186 2.75 -5.10 2.83
C ILE B 186 1.67 -5.27 3.88
N PHE B 187 0.99 -6.41 3.80
CA PHE B 187 -0.06 -6.70 4.76
C PHE B 187 0.40 -7.92 5.55
N PRO B 188 -0.05 -8.04 6.81
CA PRO B 188 0.37 -9.21 7.59
C PRO B 188 0.12 -10.50 6.81
N HIS B 189 1.20 -11.22 6.52
CA HIS B 189 1.06 -12.44 5.74
C HIS B 189 2.05 -13.54 6.04
N GLN B 190 1.77 -14.70 5.45
CA GLN B 190 2.63 -15.87 5.53
C GLN B 190 2.41 -16.61 4.22
N TRP B 191 3.31 -17.52 3.89
CA TRP B 191 3.20 -18.30 2.66
C TRP B 191 3.13 -19.78 2.98
N ILE B 192 2.10 -20.48 2.52
CA ILE B 192 2.07 -21.93 2.76
C ILE B 192 2.69 -22.54 1.52
N ASN B 193 3.96 -22.95 1.64
CA ASN B 193 4.71 -23.57 0.56
C ASN B 193 4.79 -25.05 0.95
N LEU B 194 3.85 -25.83 0.43
CA LEU B 194 3.73 -27.26 0.72
C LEU B 194 5.05 -27.98 0.94
N ARG B 195 6.09 -27.50 0.28
CA ARG B 195 7.42 -28.08 0.39
C ARG B 195 8.03 -28.02 1.80
N THR B 196 7.78 -26.93 2.51
CA THR B 196 8.35 -26.74 3.84
C THR B 196 7.28 -26.44 4.87
N ASN B 197 6.26 -25.72 4.42
CA ASN B 197 5.17 -25.29 5.25
C ASN B 197 4.07 -26.36 5.46
N ASN B 198 2.89 -25.95 5.90
CA ASN B 198 1.79 -26.90 6.17
C ASN B 198 0.59 -26.17 6.77
N SER B 199 0.83 -24.96 7.26
CA SER B 199 -0.21 -24.12 7.86
C SER B 199 0.31 -22.70 7.92
N ALA B 200 -0.57 -21.75 8.24
CA ALA B 200 -0.16 -20.36 8.32
C ALA B 200 -0.94 -19.68 9.43
N THR B 201 -0.23 -19.00 10.32
CA THR B 201 -0.91 -18.34 11.42
C THR B 201 -0.63 -16.87 11.46
N ILE B 202 -1.69 -16.09 11.60
CA ILE B 202 -1.59 -14.64 11.64
C ILE B 202 -2.51 -14.08 12.71
N VAL B 203 -1.95 -13.28 13.62
CA VAL B 203 -2.76 -12.67 14.67
C VAL B 203 -2.94 -11.24 14.22
N MET B 204 -4.20 -10.81 14.10
CA MET B 204 -4.48 -9.45 13.65
C MET B 204 -5.12 -8.58 14.70
N PRO B 205 -4.51 -7.42 14.95
CA PRO B 205 -5.06 -6.50 15.95
C PRO B 205 -6.19 -5.75 15.28
N TYR B 206 -7.10 -5.23 16.08
CA TYR B 206 -8.19 -4.46 15.55
C TYR B 206 -7.64 -3.31 14.72
N THR B 207 -8.17 -3.11 13.52
CA THR B 207 -7.73 -2.02 12.67
C THR B 207 -8.99 -1.28 12.22
N ASN B 208 -8.90 0.05 12.05
CA ASN B 208 -10.04 0.86 11.63
C ASN B 208 -9.69 2.31 11.94
N SER B 209 -10.47 3.25 11.40
CA SER B 209 -10.21 4.66 11.65
C SER B 209 -11.04 5.16 12.81
N VAL B 210 -11.66 4.22 13.53
CA VAL B 210 -12.50 4.55 14.68
C VAL B 210 -12.41 3.44 15.75
N PRO B 211 -12.66 3.77 17.03
CA PRO B 211 -12.60 2.82 18.15
C PRO B 211 -13.41 1.55 17.98
N MET B 212 -14.63 1.70 17.47
CA MET B 212 -15.50 0.56 17.21
C MET B 212 -16.30 0.82 15.93
N ASP B 213 -16.97 -0.20 15.40
CA ASP B 213 -17.77 -0.03 14.20
C ASP B 213 -18.84 -1.12 14.18
N ASN B 214 -19.84 -0.93 13.32
CA ASN B 214 -20.91 -1.91 13.19
C ASN B 214 -20.37 -3.06 12.35
N MET B 215 -20.45 -4.26 12.89
CA MET B 215 -19.91 -5.45 12.24
C MET B 215 -20.56 -6.00 10.96
N PHE B 216 -21.78 -5.56 10.65
CA PHE B 216 -22.47 -6.00 9.45
C PHE B 216 -22.23 -5.01 8.32
N ARG B 217 -22.44 -3.74 8.64
CA ARG B 217 -22.28 -2.64 7.71
C ARG B 217 -20.86 -2.42 7.25
N HIS B 218 -19.90 -2.99 7.96
CA HIS B 218 -18.49 -2.78 7.63
C HIS B 218 -17.65 -4.06 7.85
N ASN B 219 -16.68 -4.29 6.97
CA ASN B 219 -15.80 -5.46 7.08
C ASN B 219 -14.39 -4.91 7.02
N ASN B 220 -13.83 -4.61 8.19
CA ASN B 220 -12.49 -4.02 8.29
C ASN B 220 -11.33 -4.87 7.78
N VAL B 221 -11.46 -6.19 7.79
CA VAL B 221 -10.37 -7.03 7.29
C VAL B 221 -10.93 -8.09 6.34
N THR B 222 -10.12 -8.48 5.36
CA THR B 222 -10.53 -9.51 4.41
C THR B 222 -9.39 -10.52 4.26
N LEU B 223 -9.66 -11.78 4.60
CA LEU B 223 -8.65 -12.82 4.46
C LEU B 223 -8.62 -13.34 3.03
N MET B 224 -7.43 -13.43 2.44
CA MET B 224 -7.27 -13.92 1.08
C MET B 224 -6.22 -15.02 0.98
N VAL B 225 -6.55 -16.11 0.29
CA VAL B 225 -5.59 -17.18 0.06
C VAL B 225 -5.46 -17.20 -1.48
N ILE B 226 -4.25 -17.07 -2.00
CA ILE B 226 -4.04 -16.99 -3.44
C ILE B 226 -2.82 -17.74 -3.92
N PRO B 227 -3.01 -18.87 -4.61
CA PRO B 227 -1.81 -19.59 -5.08
C PRO B 227 -0.99 -18.88 -6.17
N PHE B 228 0.30 -18.73 -5.90
CA PHE B 228 1.24 -18.08 -6.83
C PHE B 228 1.92 -19.21 -7.58
N VAL B 229 2.01 -20.35 -6.92
CA VAL B 229 2.60 -21.52 -7.52
C VAL B 229 1.48 -22.53 -7.37
N PRO B 230 0.85 -22.92 -8.48
CA PRO B 230 -0.26 -23.88 -8.55
C PRO B 230 0.04 -25.28 -8.04
N LEU B 231 -0.97 -25.91 -7.45
CA LEU B 231 -0.83 -27.26 -6.93
C LEU B 231 -0.43 -28.18 -8.06
N ASP B 232 0.36 -29.20 -7.75
CA ASP B 232 0.76 -30.15 -8.76
C ASP B 232 1.35 -31.39 -8.11
N TYR B 233 1.05 -32.54 -8.69
CA TYR B 233 1.54 -33.80 -8.15
C TYR B 233 1.82 -34.73 -9.32
N CYS B 234 1.55 -36.01 -9.11
CA CYS B 234 1.76 -37.01 -10.14
C CYS B 234 0.76 -38.12 -10.01
N PRO B 235 0.47 -38.82 -11.12
CA PRO B 235 -0.50 -39.93 -11.07
C PRO B 235 -0.09 -40.87 -9.94
N GLY B 236 -0.99 -41.05 -8.98
CA GLY B 236 -0.71 -41.90 -7.84
C GLY B 236 -0.95 -41.12 -6.57
N SER B 237 -0.34 -39.93 -6.48
CA SER B 237 -0.48 -39.04 -5.33
C SER B 237 -1.96 -38.63 -5.23
N THR B 238 -2.51 -38.47 -4.03
CA THR B 238 -3.92 -38.10 -3.91
C THR B 238 -4.21 -36.80 -4.65
N THR B 239 -5.45 -36.64 -5.10
CA THR B 239 -5.82 -35.47 -5.89
C THR B 239 -6.62 -34.41 -5.16
N TYR B 240 -7.34 -34.80 -4.12
CA TYR B 240 -8.13 -33.83 -3.38
C TYR B 240 -7.36 -33.28 -2.18
N VAL B 241 -6.77 -32.09 -2.38
CA VAL B 241 -6.00 -31.41 -1.36
C VAL B 241 -6.83 -30.21 -0.91
N PRO B 242 -7.51 -30.32 0.26
CA PRO B 242 -8.33 -29.21 0.73
C PRO B 242 -7.52 -28.15 1.48
N ILE B 243 -8.15 -27.00 1.68
CA ILE B 243 -7.56 -25.89 2.40
C ILE B 243 -8.63 -25.50 3.40
N THR B 244 -8.32 -25.53 4.69
CA THR B 244 -9.30 -25.17 5.70
C THR B 244 -8.88 -23.92 6.45
N VAL B 245 -9.87 -23.10 6.78
CA VAL B 245 -9.62 -21.86 7.48
C VAL B 245 -10.31 -21.83 8.83
N THR B 246 -9.51 -21.53 9.86
CA THR B 246 -10.04 -21.42 11.21
C THR B 246 -9.68 -20.03 11.69
N ILE B 247 -10.66 -19.33 12.26
CA ILE B 247 -10.45 -17.98 12.74
C ILE B 247 -10.97 -17.86 14.17
N ALA B 248 -10.21 -17.15 15.01
CA ALA B 248 -10.63 -16.97 16.40
C ALA B 248 -10.65 -15.51 16.80
N PRO B 249 -11.83 -15.00 17.19
CA PRO B 249 -11.89 -13.58 17.59
C PRO B 249 -11.05 -13.38 18.86
N MET B 250 -10.51 -12.17 19.02
CA MET B 250 -9.68 -11.87 20.19
C MET B 250 -10.06 -10.54 20.83
N CYS B 251 -10.40 -10.59 22.11
CA CYS B 251 -10.79 -9.40 22.88
C CYS B 251 -11.99 -8.73 22.26
N ALA B 252 -13.00 -9.53 21.97
CA ALA B 252 -14.21 -9.03 21.35
C ALA B 252 -15.04 -8.24 22.35
N GLU B 253 -15.40 -7.01 21.98
CA GLU B 253 -16.24 -6.15 22.82
C GLU B 253 -17.44 -5.69 22.00
N TYR B 254 -18.58 -5.53 22.67
CA TYR B 254 -19.78 -5.10 21.99
C TYR B 254 -20.49 -4.03 22.77
N ASN B 255 -20.97 -3.00 22.09
CA ASN B 255 -21.70 -1.91 22.74
C ASN B 255 -23.02 -1.66 22.00
N GLY B 256 -23.86 -0.83 22.58
CA GLY B 256 -25.13 -0.49 21.97
C GLY B 256 -26.07 -1.67 21.78
N LEU B 257 -26.40 -2.34 22.88
CA LEU B 257 -27.31 -3.47 22.84
C LEU B 257 -28.72 -3.00 22.45
N ARG B 258 -29.46 -3.84 21.72
CA ARG B 258 -30.82 -3.55 21.25
C ARG B 258 -31.41 -4.85 20.73
N LEU B 259 -32.53 -4.77 20.02
CA LEU B 259 -33.17 -5.95 19.45
C LEU B 259 -32.25 -6.55 18.38
N ALA B 260 -32.32 -7.86 18.20
CA ALA B 260 -31.49 -8.55 17.22
C ALA B 260 -31.76 -8.15 15.78
N GLY B 261 -31.43 -9.05 14.86
CA GLY B 261 -31.66 -8.80 13.44
C GLY B 261 -30.62 -7.94 12.77
N HIS B 262 -30.13 -8.40 11.61
CA HIS B 262 -29.11 -7.68 10.82
C HIS B 262 -29.73 -6.80 9.73
N GLN B 263 -30.87 -6.17 10.07
CA GLN B 263 -31.64 -5.30 9.19
C GLN B 263 -31.04 -3.91 8.95
N GLY C 1 4.50 52.74 10.41
CA GLY C 1 4.77 51.94 9.13
C GLY C 1 6.23 51.53 8.92
N LEU C 2 6.59 50.33 9.34
CA LEU C 2 7.97 49.83 9.23
C LEU C 2 8.51 49.73 7.80
N PRO C 3 9.49 50.58 7.44
CA PRO C 3 10.05 50.52 6.10
C PRO C 3 10.46 49.11 5.70
N THR C 4 9.82 48.61 4.65
CA THR C 4 10.03 47.28 4.13
C THR C 4 10.34 47.33 2.63
N MET C 5 10.79 46.21 2.06
CA MET C 5 11.11 46.16 0.63
C MET C 5 11.00 44.74 0.04
N ASN C 6 9.93 44.49 -0.69
CA ASN C 6 9.70 43.17 -1.30
C ASN C 6 10.81 42.73 -2.24
N THR C 7 11.10 41.44 -2.22
CA THR C 7 12.16 40.87 -3.04
C THR C 7 11.60 39.90 -4.06
N PRO C 8 12.43 39.54 -5.05
CA PRO C 8 11.97 38.59 -6.06
C PRO C 8 11.36 37.34 -5.41
N GLY C 9 10.28 36.84 -6.00
CA GLY C 9 9.61 35.68 -5.46
C GLY C 9 8.32 36.12 -4.79
N SER C 10 8.29 37.38 -4.38
CA SER C 10 7.13 37.94 -3.71
C SER C 10 5.83 37.68 -4.47
N CYS C 11 4.82 37.25 -3.73
CA CYS C 11 3.48 36.97 -4.25
C CYS C 11 3.32 35.70 -5.09
N GLN C 12 4.42 35.07 -5.46
CA GLN C 12 4.36 33.85 -6.26
C GLN C 12 3.67 32.73 -5.49
N PHE C 13 3.63 31.54 -6.08
CA PHE C 13 3.02 30.40 -5.43
C PHE C 13 3.80 29.17 -5.83
N LEU C 14 4.80 28.83 -5.00
CA LEU C 14 5.63 27.65 -5.25
C LEU C 14 4.85 26.45 -4.74
N THR C 15 4.79 25.39 -5.53
CA THR C 15 4.03 24.20 -5.14
C THR C 15 4.63 23.54 -3.90
N SER C 16 5.95 23.65 -3.77
CA SER C 16 6.67 23.07 -2.64
C SER C 16 7.08 24.11 -1.58
N ASP C 17 6.36 25.23 -1.50
CA ASP C 17 6.70 26.23 -0.49
C ASP C 17 6.30 25.71 0.89
N ASP C 18 6.68 26.45 1.92
CA ASP C 18 6.38 26.02 3.27
C ASP C 18 6.11 27.20 4.21
N PHE C 19 4.92 27.78 4.16
CA PHE C 19 4.63 28.90 5.03
C PHE C 19 3.43 28.72 5.93
N GLN C 20 3.25 29.67 6.84
CA GLN C 20 2.12 29.64 7.75
C GLN C 20 0.96 30.32 7.04
N SER C 21 -0.27 29.90 7.36
CA SER C 21 -1.47 30.46 6.75
C SER C 21 -2.65 30.36 7.72
N PRO C 22 -3.46 31.43 7.80
CA PRO C 22 -4.62 31.46 8.70
C PRO C 22 -5.58 30.30 8.53
N SER C 23 -6.09 29.81 9.65
CA SER C 23 -7.03 28.70 9.65
C SER C 23 -8.38 29.28 9.25
N ALA C 24 -9.14 28.52 8.47
CA ALA C 24 -10.47 28.97 8.07
C ALA C 24 -11.46 28.53 9.14
N MET C 25 -11.02 27.60 10.01
CA MET C 25 -11.84 27.12 11.13
C MET C 25 -11.19 27.50 12.44
N PRO C 26 -11.31 28.78 12.84
CA PRO C 26 -10.71 29.26 14.08
C PRO C 26 -11.15 28.41 15.27
N GLN C 27 -10.18 27.97 16.06
CA GLN C 27 -10.43 27.17 17.26
C GLN C 27 -11.19 25.85 17.08
N TYR C 28 -11.10 25.25 15.90
CA TYR C 28 -11.79 23.99 15.67
C TYR C 28 -11.12 22.91 16.52
N ASP C 29 -11.93 22.13 17.22
CA ASP C 29 -11.39 21.06 18.06
C ASP C 29 -11.22 19.76 17.30
N VAL C 30 -10.00 19.47 16.89
CA VAL C 30 -9.70 18.25 16.15
C VAL C 30 -10.15 17.00 16.91
N THR C 31 -10.46 15.94 16.17
CA THR C 31 -10.86 14.69 16.82
C THR C 31 -9.60 14.12 17.49
N PRO C 32 -9.68 13.73 18.77
CA PRO C 32 -8.50 13.18 19.42
C PRO C 32 -7.88 12.02 18.67
N GLU C 33 -6.56 11.93 18.65
CA GLU C 33 -5.89 10.85 17.94
C GLU C 33 -6.20 9.52 18.57
N MET C 34 -5.79 8.45 17.90
CA MET C 34 -6.06 7.11 18.38
C MET C 34 -4.94 6.19 17.92
N ARG C 35 -4.66 5.18 18.73
CA ARG C 35 -3.61 4.23 18.39
C ARG C 35 -4.12 3.29 17.31
N ILE C 36 -3.59 3.46 16.11
CA ILE C 36 -3.96 2.64 14.98
C ILE C 36 -2.75 1.79 14.64
N PRO C 37 -2.92 0.46 14.56
CA PRO C 37 -1.77 -0.38 14.23
C PRO C 37 -1.04 0.05 12.97
N GLY C 38 0.20 -0.38 12.87
CA GLY C 38 1.02 -0.07 11.71
C GLY C 38 1.16 1.35 11.17
N GLU C 39 1.69 2.28 11.97
CA GLU C 39 1.86 3.64 11.46
C GLU C 39 3.08 3.65 10.53
N VAL C 40 3.13 4.61 9.62
CA VAL C 40 4.25 4.71 8.70
C VAL C 40 4.90 6.07 8.88
N LYS C 41 6.22 6.09 8.99
CA LYS C 41 6.97 7.33 9.17
C LYS C 41 7.77 7.77 7.96
N ASN C 42 8.32 6.80 7.25
CA ASN C 42 9.12 7.05 6.05
C ASN C 42 8.80 5.97 5.00
N LEU C 43 8.79 6.34 3.73
CA LEU C 43 8.48 5.37 2.69
C LEU C 43 9.46 4.20 2.64
N MET C 44 10.70 4.45 3.08
CA MET C 44 11.71 3.41 3.08
C MET C 44 11.31 2.25 3.99
N GLU C 45 10.43 2.52 4.95
CA GLU C 45 9.96 1.47 5.84
C GLU C 45 9.27 0.45 4.95
N ILE C 46 8.54 0.95 3.95
CA ILE C 46 7.82 0.09 3.01
C ILE C 46 8.78 -0.59 2.03
N ALA C 47 9.73 0.18 1.50
CA ALA C 47 10.71 -0.33 0.54
C ALA C 47 11.62 -1.42 1.11
N GLU C 48 11.50 -1.68 2.40
CA GLU C 48 12.32 -2.70 3.06
C GLU C 48 11.54 -3.98 3.19
N VAL C 49 10.28 -3.94 2.78
CA VAL C 49 9.41 -5.10 2.84
C VAL C 49 9.43 -5.84 1.49
N ASP C 50 9.68 -7.13 1.53
CA ASP C 50 9.71 -7.94 0.31
C ASP C 50 8.36 -7.92 -0.42
N SER C 51 8.41 -7.98 -1.75
CA SER C 51 7.19 -8.05 -2.56
C SER C 51 7.58 -9.00 -3.71
N VAL C 52 6.64 -9.78 -4.22
CA VAL C 52 6.96 -10.74 -5.27
C VAL C 52 7.24 -10.09 -6.63
N VAL C 53 8.44 -10.36 -7.16
CA VAL C 53 8.88 -9.83 -8.45
C VAL C 53 8.36 -10.66 -9.61
N PRO C 54 7.91 -9.99 -10.68
CA PRO C 54 7.39 -10.66 -11.87
C PRO C 54 8.53 -10.81 -12.90
N VAL C 55 9.39 -11.79 -12.68
CA VAL C 55 10.54 -12.05 -13.54
C VAL C 55 10.10 -12.52 -14.93
N GLN C 56 8.97 -13.22 -14.99
CA GLN C 56 8.44 -13.73 -16.25
C GLN C 56 7.42 -12.78 -16.91
N ASN C 57 7.92 -11.68 -17.48
CA ASN C 57 7.07 -10.71 -18.18
C ASN C 57 6.61 -11.33 -19.50
N VAL C 58 7.46 -12.21 -20.05
CA VAL C 58 7.20 -12.88 -21.31
C VAL C 58 5.73 -12.88 -21.75
N GLY C 59 5.51 -12.29 -22.93
CA GLY C 59 4.18 -12.22 -23.51
C GLY C 59 2.94 -12.01 -22.66
N GLU C 60 1.95 -12.87 -22.90
CA GLU C 60 0.65 -12.83 -22.23
C GLU C 60 0.65 -13.17 -20.74
N LYS C 61 1.72 -13.79 -20.25
CA LYS C 61 1.79 -14.19 -18.85
C LYS C 61 1.60 -13.05 -17.84
N VAL C 62 1.89 -11.83 -18.28
CA VAL C 62 1.71 -10.67 -17.44
C VAL C 62 0.26 -10.58 -16.96
N ASN C 63 -0.64 -11.34 -17.60
CA ASN C 63 -2.04 -11.32 -17.21
C ASN C 63 -2.45 -12.58 -16.47
N SER C 64 -1.59 -13.04 -15.58
CA SER C 64 -1.86 -14.25 -14.80
C SER C 64 -0.80 -14.39 -13.72
N MET C 65 -1.05 -15.29 -12.78
CA MET C 65 -0.10 -15.51 -11.71
C MET C 65 1.25 -15.98 -12.27
N GLU C 66 1.25 -16.51 -13.48
CA GLU C 66 2.48 -17.02 -14.09
C GLU C 66 3.60 -15.99 -14.17
N ALA C 67 3.24 -14.71 -14.17
CA ALA C 67 4.25 -13.67 -14.26
C ALA C 67 5.24 -13.75 -13.10
N TYR C 68 4.75 -14.26 -11.97
CA TYR C 68 5.56 -14.39 -10.77
C TYR C 68 6.23 -15.75 -10.63
N GLN C 69 6.18 -16.57 -11.68
CA GLN C 69 6.80 -17.90 -11.61
C GLN C 69 8.10 -18.02 -12.40
N ILE C 70 9.11 -18.64 -11.80
CA ILE C 70 10.39 -18.84 -12.46
C ILE C 70 10.52 -20.33 -12.74
N PRO C 71 10.45 -20.70 -14.02
CA PRO C 71 10.55 -22.10 -14.45
C PRO C 71 11.89 -22.76 -14.21
N VAL C 72 11.82 -23.89 -13.54
CA VAL C 72 12.98 -24.68 -13.23
C VAL C 72 12.53 -26.11 -13.44
N ARG C 73 13.39 -26.93 -14.01
CA ARG C 73 13.05 -28.31 -14.26
C ARG C 73 14.31 -29.10 -14.46
N SER C 74 14.21 -30.42 -14.34
CA SER C 74 15.35 -31.31 -14.53
C SER C 74 15.79 -31.29 -16.00
N ASN C 75 17.09 -31.17 -16.25
CA ASN C 75 17.61 -31.11 -17.62
C ASN C 75 18.59 -32.26 -17.88
N GLU C 76 19.18 -32.22 -19.05
CA GLU C 76 20.16 -33.22 -19.43
C GLU C 76 21.49 -32.49 -19.53
N GLY C 77 21.68 -31.56 -18.58
CA GLY C 77 22.89 -30.77 -18.53
C GLY C 77 22.79 -29.73 -17.45
N SER C 78 23.88 -29.01 -17.23
CA SER C 78 23.92 -27.94 -16.24
C SER C 78 24.52 -26.72 -16.93
N GLY C 79 24.44 -25.56 -16.28
CA GLY C 79 25.02 -24.37 -16.87
C GLY C 79 23.96 -23.50 -17.51
N THR C 80 22.80 -24.09 -17.71
CA THR C 80 21.66 -23.44 -18.34
C THR C 80 21.25 -22.18 -17.57
N GLN C 81 21.03 -21.08 -18.28
CA GLN C 81 20.59 -19.85 -17.61
C GLN C 81 19.15 -20.13 -17.15
N VAL C 82 18.71 -19.48 -16.07
CA VAL C 82 17.34 -19.70 -15.55
C VAL C 82 16.57 -18.41 -15.70
N PHE C 83 17.31 -17.30 -15.69
CA PHE C 83 16.73 -15.98 -15.89
C PHE C 83 17.83 -14.95 -15.91
N GLY C 84 17.47 -13.71 -16.20
CA GLY C 84 18.45 -12.65 -16.25
C GLY C 84 17.76 -11.33 -16.53
N PHE C 85 17.90 -10.37 -15.62
CA PHE C 85 17.32 -9.05 -15.77
C PHE C 85 18.35 -8.07 -15.24
N PRO C 86 18.26 -6.80 -15.66
CA PRO C 86 19.19 -5.77 -15.22
C PRO C 86 18.93 -5.21 -13.82
N LEU C 87 19.87 -4.40 -13.34
CA LEU C 87 19.72 -3.77 -12.04
C LEU C 87 19.21 -2.36 -12.30
N GLN C 88 17.91 -2.25 -12.55
CA GLN C 88 17.28 -0.96 -12.81
C GLN C 88 16.01 -0.99 -11.98
N PRO C 89 16.14 -0.99 -10.65
CA PRO C 89 14.98 -1.03 -9.77
C PRO C 89 13.88 -0.08 -10.17
N GLY C 90 14.24 0.99 -10.86
CA GLY C 90 13.23 1.94 -11.26
C GLY C 90 12.63 1.75 -12.64
N TYR C 91 13.48 1.52 -13.62
CA TYR C 91 13.08 1.37 -15.02
C TYR C 91 12.63 -0.02 -15.48
N SER C 92 13.51 -1.01 -15.35
CA SER C 92 13.19 -2.36 -15.79
C SER C 92 11.80 -2.85 -15.41
N SER C 93 11.05 -3.30 -16.41
CA SER C 93 9.69 -3.79 -16.21
C SER C 93 9.61 -4.85 -15.12
N VAL C 94 10.72 -5.53 -14.87
CA VAL C 94 10.78 -6.57 -13.85
C VAL C 94 10.55 -6.01 -12.45
N PHE C 95 11.14 -4.84 -12.18
CA PHE C 95 11.03 -4.20 -10.88
C PHE C 95 10.03 -3.04 -10.83
N SER C 96 10.05 -2.19 -11.85
CA SER C 96 9.19 -1.01 -11.93
C SER C 96 7.84 -1.01 -11.21
N ARG C 97 7.13 -2.14 -11.18
CA ARG C 97 5.82 -2.17 -10.54
C ARG C 97 5.79 -2.84 -9.18
N THR C 98 6.99 -3.12 -8.67
CA THR C 98 7.22 -3.74 -7.37
C THR C 98 6.92 -2.73 -6.28
N LEU C 99 6.94 -3.19 -5.04
CA LEU C 99 6.71 -2.28 -3.93
C LEU C 99 7.89 -1.30 -3.96
N LEU C 100 9.10 -1.85 -4.09
CA LEU C 100 10.28 -1.02 -4.14
C LEU C 100 10.21 -0.09 -5.33
N GLY C 101 9.96 -0.66 -6.50
CA GLY C 101 9.88 0.09 -7.74
C GLY C 101 8.83 1.19 -7.77
N GLU C 102 7.66 0.91 -7.20
CA GLU C 102 6.60 1.91 -7.17
C GLU C 102 7.10 3.16 -6.47
N ILE C 103 7.75 2.95 -5.32
CA ILE C 103 8.29 4.04 -4.54
C ILE C 103 9.39 4.76 -5.32
N LEU C 104 10.35 4.00 -5.86
CA LEU C 104 11.43 4.62 -6.61
C LEU C 104 10.88 5.54 -7.69
N ASN C 105 9.77 5.13 -8.29
CA ASN C 105 9.20 5.94 -9.36
C ASN C 105 8.55 7.26 -8.98
N TYR C 106 8.72 7.64 -7.71
CA TYR C 106 8.20 8.92 -7.27
C TYR C 106 9.41 9.78 -6.95
N TYR C 107 10.59 9.24 -7.24
CA TYR C 107 11.85 9.93 -7.00
C TYR C 107 12.74 9.87 -8.23
N THR C 108 13.81 10.66 -8.23
CA THR C 108 14.74 10.72 -9.35
C THR C 108 16.07 9.98 -9.15
N HIS C 109 16.51 9.90 -7.89
CA HIS C 109 17.77 9.24 -7.54
C HIS C 109 17.55 8.13 -6.53
N TRP C 110 18.39 7.10 -6.58
CA TRP C 110 18.32 6.01 -5.61
C TRP C 110 19.74 5.55 -5.29
N SER C 111 19.89 4.91 -4.12
CA SER C 111 21.20 4.40 -3.70
C SER C 111 20.99 3.34 -2.63
N GLY C 112 21.87 2.33 -2.62
CA GLY C 112 21.76 1.28 -1.63
C GLY C 112 21.80 -0.12 -2.17
N SER C 113 22.01 -1.09 -1.29
CA SER C 113 22.06 -2.49 -1.68
C SER C 113 20.63 -2.96 -1.77
N ILE C 114 20.42 -4.06 -2.48
CA ILE C 114 19.09 -4.61 -2.65
C ILE C 114 19.12 -6.09 -2.38
N LYS C 115 18.02 -6.60 -1.83
CA LYS C 115 17.94 -8.01 -1.50
C LYS C 115 16.97 -8.74 -2.42
N LEU C 116 17.44 -9.83 -3.00
CA LEU C 116 16.58 -10.65 -3.84
C LEU C 116 16.47 -11.99 -3.11
N THR C 117 15.31 -12.24 -2.52
CA THR C 117 15.10 -13.49 -1.80
C THR C 117 14.43 -14.49 -2.76
N PHE C 118 15.00 -15.70 -2.88
CA PHE C 118 14.45 -16.71 -3.78
C PHE C 118 13.88 -17.91 -3.05
N MET C 119 12.58 -18.11 -3.17
CA MET C 119 11.92 -19.23 -2.52
C MET C 119 11.66 -20.38 -3.50
N PHE C 120 12.14 -21.58 -3.17
CA PHE C 120 11.94 -22.74 -4.01
C PHE C 120 10.58 -23.37 -3.69
N CYS C 121 9.68 -23.34 -4.66
CA CYS C 121 8.35 -23.89 -4.49
C CYS C 121 8.17 -25.25 -5.14
N GLY C 122 9.27 -25.97 -5.30
CA GLY C 122 9.20 -27.30 -5.85
C GLY C 122 8.55 -28.17 -4.80
N SER C 123 8.82 -29.47 -4.85
CA SER C 123 8.25 -30.37 -3.87
C SER C 123 9.35 -30.76 -2.90
N ALA C 124 8.94 -31.16 -1.70
CA ALA C 124 9.89 -31.57 -0.68
C ALA C 124 10.97 -32.50 -1.23
N MET C 125 10.60 -33.41 -2.12
CA MET C 125 11.55 -34.36 -2.69
C MET C 125 12.49 -33.81 -3.77
N ALA C 126 12.16 -32.65 -4.33
CA ALA C 126 12.98 -32.03 -5.37
C ALA C 126 14.23 -31.38 -4.76
N THR C 127 15.35 -31.48 -5.45
CA THR C 127 16.59 -30.90 -4.96
C THR C 127 17.33 -30.18 -6.08
N GLY C 128 18.49 -29.62 -5.75
CA GLY C 128 19.29 -28.91 -6.73
C GLY C 128 19.97 -27.70 -6.15
N LYS C 129 20.93 -27.17 -6.90
CA LYS C 129 21.68 -26.00 -6.48
C LYS C 129 21.72 -25.00 -7.64
N PHE C 130 21.53 -23.72 -7.34
CA PHE C 130 21.55 -22.69 -8.36
C PHE C 130 22.63 -21.68 -8.08
N LEU C 131 23.04 -20.94 -9.11
CA LEU C 131 24.06 -19.95 -8.92
C LEU C 131 23.48 -18.57 -9.19
N LEU C 132 23.13 -17.86 -8.11
CA LEU C 132 22.59 -16.50 -8.20
C LEU C 132 23.80 -15.57 -8.32
N ALA C 133 23.82 -14.73 -9.36
CA ALA C 133 24.96 -13.85 -9.57
C ALA C 133 24.62 -12.43 -9.98
N TYR C 134 25.51 -11.51 -9.64
CA TYR C 134 25.34 -10.11 -9.97
C TYR C 134 26.66 -9.66 -10.59
N SER C 135 26.59 -9.20 -11.83
CA SER C 135 27.78 -8.75 -12.53
C SER C 135 27.67 -7.25 -12.74
N PRO C 136 28.58 -6.48 -12.15
CA PRO C 136 28.55 -5.03 -12.30
C PRO C 136 28.74 -4.72 -13.78
N PRO C 137 28.27 -3.55 -14.25
CA PRO C 137 28.43 -3.18 -15.66
C PRO C 137 29.89 -3.11 -16.10
N GLY C 138 30.12 -2.75 -17.36
CA GLY C 138 31.48 -2.65 -17.84
C GLY C 138 31.76 -3.62 -18.96
N ALA C 139 31.25 -4.84 -18.82
CA ALA C 139 31.39 -5.86 -19.83
C ALA C 139 29.94 -6.14 -20.15
N GLY C 140 29.65 -7.23 -20.83
CA GLY C 140 28.26 -7.48 -21.13
C GLY C 140 27.63 -8.39 -20.10
N ALA C 141 26.36 -8.72 -20.28
CA ALA C 141 25.72 -9.62 -19.34
C ALA C 141 26.41 -10.96 -19.55
N PRO C 142 26.72 -11.69 -18.47
CA PRO C 142 27.38 -12.98 -18.70
C PRO C 142 26.47 -13.90 -19.53
N THR C 143 27.05 -14.59 -20.50
CA THR C 143 26.27 -15.48 -21.36
C THR C 143 26.42 -16.96 -21.04
N LYS C 144 27.40 -17.28 -20.21
CA LYS C 144 27.66 -18.66 -19.80
C LYS C 144 27.80 -18.65 -18.27
N ARG C 145 27.55 -19.78 -17.62
CA ARG C 145 27.68 -19.83 -16.16
C ARG C 145 29.13 -19.51 -15.80
N VAL C 146 30.06 -20.12 -16.51
CA VAL C 146 31.47 -19.91 -16.25
C VAL C 146 31.93 -18.46 -16.31
N ASP C 147 31.09 -17.58 -16.86
CA ASP C 147 31.45 -16.18 -16.92
C ASP C 147 30.70 -15.36 -15.86
N ALA C 148 29.60 -15.90 -15.36
CA ALA C 148 28.82 -15.21 -14.35
C ALA C 148 29.45 -15.44 -12.97
N MET C 149 30.01 -16.64 -12.76
CA MET C 149 30.62 -16.96 -11.49
C MET C 149 31.87 -16.11 -11.25
N LEU C 150 32.29 -15.36 -12.27
CA LEU C 150 33.47 -14.49 -12.12
C LEU C 150 33.07 -13.20 -11.40
N GLY C 151 31.78 -13.07 -11.13
CA GLY C 151 31.27 -11.89 -10.45
C GLY C 151 30.68 -12.21 -9.10
N THR C 152 30.13 -11.18 -8.46
CA THR C 152 29.54 -11.31 -7.14
C THR C 152 28.43 -12.35 -7.21
N HIS C 153 28.57 -13.46 -6.48
CA HIS C 153 27.55 -14.49 -6.50
C HIS C 153 27.33 -15.33 -5.25
N VAL C 154 26.20 -16.02 -5.24
CA VAL C 154 25.81 -16.88 -4.14
C VAL C 154 25.34 -18.23 -4.70
N VAL C 155 25.99 -19.32 -4.31
CA VAL C 155 25.60 -20.65 -4.75
C VAL C 155 24.56 -21.12 -3.76
N TRP C 156 23.30 -21.07 -4.17
CA TRP C 156 22.20 -21.47 -3.31
C TRP C 156 21.92 -22.97 -3.40
N ASP C 157 21.86 -23.65 -2.26
CA ASP C 157 21.54 -25.08 -2.26
C ASP C 157 20.16 -25.24 -1.66
N VAL C 158 19.23 -25.77 -2.44
CA VAL C 158 17.87 -25.97 -1.96
C VAL C 158 17.82 -27.07 -0.91
N GLY C 159 17.05 -26.81 0.15
CA GLY C 159 16.90 -27.76 1.24
C GLY C 159 15.81 -27.30 2.20
N LEU C 160 15.79 -27.82 3.43
CA LEU C 160 14.75 -27.42 4.39
C LEU C 160 14.50 -25.90 4.44
N GLN C 161 15.58 -25.11 4.38
CA GLN C 161 15.44 -23.66 4.36
C GLN C 161 14.99 -23.38 2.92
N SER C 162 13.72 -23.06 2.75
CA SER C 162 13.18 -22.83 1.41
C SER C 162 13.83 -21.69 0.63
N SER C 163 13.89 -20.52 1.24
CA SER C 163 14.45 -19.35 0.57
C SER C 163 15.95 -19.14 0.76
N CYS C 164 16.53 -18.35 -0.13
CA CYS C 164 17.96 -18.00 -0.12
C CYS C 164 18.11 -16.57 -0.65
N VAL C 165 19.04 -15.81 -0.09
CA VAL C 165 19.21 -14.42 -0.50
C VAL C 165 20.47 -14.08 -1.29
N LEU C 166 20.29 -13.23 -2.29
CA LEU C 166 21.38 -12.76 -3.12
C LEU C 166 21.38 -11.29 -2.79
N CYS C 167 22.34 -10.86 -1.99
CA CYS C 167 22.37 -9.46 -1.66
C CYS C 167 23.15 -8.75 -2.75
N ILE C 168 22.49 -7.84 -3.46
CA ILE C 168 23.14 -7.08 -4.52
C ILE C 168 23.77 -5.84 -3.91
N PRO C 169 25.07 -5.91 -3.62
CA PRO C 169 25.82 -4.81 -3.01
C PRO C 169 25.83 -3.60 -3.90
N TRP C 170 25.63 -2.45 -3.29
CA TRP C 170 25.64 -1.23 -4.06
C TRP C 170 27.04 -0.90 -4.53
N ILE C 171 27.37 -1.32 -5.74
CA ILE C 171 28.67 -0.98 -6.31
C ILE C 171 28.23 0.03 -7.36
N SER C 172 28.96 1.15 -7.45
CA SER C 172 28.63 2.21 -8.40
C SER C 172 29.69 3.29 -8.37
N GLN C 173 29.82 4.06 -9.43
CA GLN C 173 30.84 5.09 -9.40
C GLN C 173 30.31 6.35 -8.73
N THR C 174 29.00 6.52 -8.70
CA THR C 174 28.44 7.69 -8.07
C THR C 174 27.70 7.27 -6.81
N HIS C 175 27.43 8.24 -5.94
CA HIS C 175 26.72 7.97 -4.69
C HIS C 175 25.30 7.54 -4.98
N TYR C 176 24.68 8.19 -5.96
CA TYR C 176 23.32 7.87 -6.35
C TYR C 176 23.23 7.48 -7.82
N ARG C 177 22.16 6.78 -8.16
CA ARG C 177 21.87 6.37 -9.54
C ARG C 177 20.52 6.96 -9.91
N TYR C 178 20.28 7.10 -11.21
CA TYR C 178 19.01 7.63 -11.66
C TYR C 178 17.97 6.53 -11.62
N VAL C 179 16.77 6.90 -11.19
CA VAL C 179 15.65 5.98 -11.12
C VAL C 179 15.24 5.71 -12.57
N ALA C 180 15.33 6.75 -13.39
CA ALA C 180 15.03 6.67 -14.81
C ALA C 180 16.19 5.93 -15.45
N SER C 181 16.13 5.73 -16.76
CA SER C 181 17.22 5.03 -17.42
C SER C 181 18.29 6.01 -17.88
N ASP C 182 19.54 5.54 -17.85
CA ASP C 182 20.70 6.35 -18.23
C ASP C 182 21.89 5.41 -18.17
N GLU C 183 22.70 5.39 -19.22
CA GLU C 183 23.85 4.49 -19.26
C GLU C 183 24.98 4.90 -18.31
N TYR C 184 25.09 6.19 -18.00
CA TYR C 184 26.14 6.63 -17.08
C TYR C 184 25.89 5.90 -15.76
N THR C 185 24.63 5.92 -15.37
CA THR C 185 24.10 5.32 -14.15
C THR C 185 23.83 3.80 -14.26
N ALA C 186 24.44 3.16 -15.24
CA ALA C 186 24.26 1.72 -15.48
C ALA C 186 24.46 0.92 -14.22
N GLY C 187 23.57 -0.03 -13.97
CA GLY C 187 23.68 -0.82 -12.77
C GLY C 187 24.15 -2.25 -12.83
N GLY C 188 24.39 -2.81 -14.02
CA GLY C 188 24.84 -4.19 -14.09
C GLY C 188 23.75 -5.22 -14.38
N PHE C 189 24.12 -6.49 -14.38
CA PHE C 189 23.19 -7.58 -14.70
C PHE C 189 23.03 -8.68 -13.65
N ILE C 190 21.78 -9.01 -13.33
CA ILE C 190 21.47 -10.04 -12.36
C ILE C 190 21.04 -11.31 -13.10
N THR C 191 21.79 -12.39 -12.95
CA THR C 191 21.45 -13.63 -13.65
C THR C 191 21.47 -14.86 -12.75
N CYS C 192 20.75 -15.90 -13.16
CA CYS C 192 20.72 -17.14 -12.40
C CYS C 192 21.10 -18.28 -13.31
N TRP C 193 21.72 -19.32 -12.75
CA TRP C 193 22.17 -20.46 -13.54
C TRP C 193 21.96 -21.75 -12.76
N TYR C 194 22.09 -22.88 -13.44
CA TYR C 194 21.96 -24.17 -12.78
C TYR C 194 23.36 -24.53 -12.33
N GLN C 195 23.54 -24.79 -11.04
CA GLN C 195 24.85 -25.17 -10.53
C GLN C 195 24.93 -26.68 -10.70
N THR C 196 23.89 -27.36 -10.23
CA THR C 196 23.76 -28.82 -10.32
C THR C 196 22.29 -29.15 -10.51
N ASN C 197 21.87 -29.24 -11.77
CA ASN C 197 20.50 -29.55 -12.14
C ASN C 197 19.49 -30.15 -11.12
N ILE C 198 18.20 -29.84 -11.27
CA ILE C 198 17.12 -30.35 -10.40
C ILE C 198 17.11 -31.89 -10.44
N VAL C 199 16.93 -32.54 -9.30
CA VAL C 199 16.91 -34.00 -9.32
C VAL C 199 15.82 -34.60 -8.45
N VAL C 200 14.67 -34.89 -9.03
CA VAL C 200 13.57 -35.48 -8.26
C VAL C 200 13.58 -37.00 -8.38
N PRO C 201 12.76 -37.68 -7.56
CA PRO C 201 12.64 -39.14 -7.57
C PRO C 201 11.44 -39.43 -8.47
N ALA C 202 11.03 -40.68 -8.55
CA ALA C 202 9.87 -41.00 -9.36
C ALA C 202 8.63 -40.53 -8.61
N ASP C 203 7.54 -40.32 -9.34
CA ASP C 203 6.26 -39.90 -8.73
C ASP C 203 6.28 -38.48 -8.14
N ALA C 204 7.33 -37.73 -8.43
CA ALA C 204 7.47 -36.36 -7.95
C ALA C 204 7.71 -35.44 -9.14
N GLN C 205 6.87 -34.45 -9.31
CA GLN C 205 6.99 -33.54 -10.45
C GLN C 205 8.39 -32.97 -10.66
N SER C 206 8.90 -33.16 -11.88
CA SER C 206 10.24 -32.68 -12.27
C SER C 206 10.30 -31.24 -12.75
N SER C 207 9.15 -30.62 -12.93
CA SER C 207 9.08 -29.23 -13.38
C SER C 207 8.62 -28.40 -12.18
N CYS C 208 9.39 -27.39 -11.81
CA CYS C 208 9.04 -26.59 -10.65
C CYS C 208 9.06 -25.10 -10.87
N TYR C 209 8.78 -24.38 -9.80
CA TYR C 209 8.78 -22.94 -9.81
C TYR C 209 9.54 -22.35 -8.63
N ILE C 210 10.16 -21.20 -8.89
CA ILE C 210 10.94 -20.45 -7.91
C ILE C 210 10.42 -19.03 -7.89
N MET C 211 10.04 -18.54 -6.70
CA MET C 211 9.56 -17.17 -6.60
C MET C 211 10.68 -16.24 -6.22
N CYS C 212 10.54 -14.99 -6.63
CA CYS C 212 11.56 -14.01 -6.32
C CYS C 212 11.01 -12.78 -5.66
N PHE C 213 11.49 -12.52 -4.45
CA PHE C 213 11.07 -11.37 -3.66
C PHE C 213 12.17 -10.31 -3.71
N VAL C 214 11.78 -9.05 -3.68
CA VAL C 214 12.76 -7.97 -3.66
C VAL C 214 12.42 -6.94 -2.57
N SER C 215 13.47 -6.39 -1.98
CA SER C 215 13.35 -5.38 -0.92
C SER C 215 14.67 -4.63 -0.76
N ALA C 216 14.58 -3.45 -0.17
CA ALA C 216 15.75 -2.60 0.06
C ALA C 216 16.50 -2.96 1.37
N CYS C 217 17.78 -2.61 1.41
CA CYS C 217 18.60 -2.86 2.60
C CYS C 217 18.59 -1.61 3.48
N ASN C 218 19.24 -1.69 4.62
CA ASN C 218 19.27 -0.58 5.56
C ASN C 218 20.10 0.63 5.11
N ASP C 219 20.79 0.52 3.97
CA ASP C 219 21.60 1.62 3.44
C ASP C 219 20.97 2.24 2.20
N PHE C 220 19.69 1.97 1.99
CA PHE C 220 18.95 2.45 0.83
C PHE C 220 18.28 3.79 1.11
N SER C 221 18.35 4.69 0.13
CA SER C 221 17.74 6.02 0.25
C SER C 221 17.27 6.50 -1.15
N VAL C 222 16.41 7.52 -1.18
CA VAL C 222 15.92 8.06 -2.45
C VAL C 222 15.87 9.58 -2.43
N ARG C 223 16.18 10.23 -3.55
CA ARG C 223 16.17 11.69 -3.58
C ARG C 223 15.37 12.26 -4.74
N LEU C 224 15.21 13.59 -4.70
CA LEU C 224 14.49 14.40 -5.69
C LEU C 224 13.10 13.90 -6.08
N LEU C 225 12.14 14.31 -5.26
CA LEU C 225 10.74 13.96 -5.39
C LEU C 225 10.14 14.40 -6.75
N LYS C 226 9.50 13.46 -7.46
CA LYS C 226 8.89 13.73 -8.76
C LYS C 226 7.58 12.94 -8.92
N ASP C 227 6.86 13.19 -10.02
CA ASP C 227 5.60 12.49 -10.28
C ASP C 227 5.79 11.15 -11.00
N THR C 228 4.91 10.18 -10.73
CA THR C 228 5.05 8.88 -11.39
C THR C 228 4.53 8.89 -12.78
N PRO C 229 5.17 8.08 -13.63
CA PRO C 229 4.74 8.01 -15.01
C PRO C 229 3.56 7.02 -15.02
N PHE C 230 3.55 6.13 -14.03
CA PHE C 230 2.54 5.10 -13.93
C PHE C 230 1.07 5.42 -13.71
N ILE C 231 0.71 6.69 -13.60
CA ILE C 231 -0.69 7.01 -13.39
C ILE C 231 -1.05 8.19 -14.29
N THR C 232 -2.16 8.07 -15.01
CA THR C 232 -2.58 9.15 -15.90
C THR C 232 -4.09 9.26 -15.99
N GLN C 233 -4.54 10.31 -16.65
CA GLN C 233 -5.96 10.52 -16.83
C GLN C 233 -6.20 11.51 -17.97
N GLN C 234 -7.45 11.58 -18.45
CA GLN C 234 -7.79 12.50 -19.53
C GLN C 234 -8.76 13.57 -19.09
N ASN C 235 -9.55 13.25 -18.05
CA ASN C 235 -10.55 14.16 -17.51
C ASN C 235 -10.84 13.82 -16.06
N PHE C 236 -11.27 14.81 -15.30
CA PHE C 236 -11.59 14.55 -13.91
C PHE C 236 -12.61 13.43 -13.87
N PHE C 237 -12.35 12.43 -13.03
CA PHE C 237 -13.25 11.29 -12.89
C PHE C 237 -14.57 11.75 -12.29
N GLN C 238 -15.65 11.09 -12.71
CA GLN C 238 -16.98 11.43 -12.23
C GLN C 238 -17.48 10.36 -11.28
N GLY D 1 8.44 34.79 21.96
CA GLY D 1 9.21 33.56 22.06
C GLY D 1 9.25 32.80 20.75
N ALA D 2 10.32 33.11 20.02
CA ALA D 2 10.65 32.19 18.92
C ALA D 2 11.40 30.89 19.22
N GLN D 3 11.50 30.05 18.20
CA GLN D 3 12.20 28.75 18.29
C GLN D 3 13.37 28.81 17.30
N VAL D 4 14.30 27.88 17.43
CA VAL D 4 15.46 27.86 16.55
C VAL D 4 15.89 26.44 16.26
N SER D 5 15.73 26.02 15.02
CA SER D 5 16.11 24.66 14.65
C SER D 5 17.26 24.62 13.69
N THR D 6 17.60 23.42 13.27
CA THR D 6 18.68 23.21 12.34
C THR D 6 18.13 23.03 10.93
N GLN D 7 18.84 23.58 9.96
CA GLN D 7 18.42 23.44 8.58
C GLN D 7 18.99 22.12 8.07
N LYS D 8 18.64 21.76 6.85
CA LYS D 8 19.13 20.54 6.23
C LYS D 8 20.48 20.85 5.58
N THR D 9 21.48 19.96 5.73
CA THR D 9 22.84 20.14 5.15
C THR D 9 23.66 18.83 5.00
N GLY D 10 24.95 18.93 4.66
CA GLY D 10 25.77 17.73 4.49
C GLY D 10 26.90 17.54 5.48
N ILE D 24 24.04 25.05 10.41
CA ILE D 24 23.36 26.32 10.59
C ILE D 24 21.91 26.14 11.04
N HIS D 25 21.34 27.18 11.63
CA HIS D 25 19.96 27.17 12.15
C HIS D 25 19.06 28.15 11.45
N TYR D 26 17.77 28.09 11.80
CA TYR D 26 16.77 29.00 11.26
C TYR D 26 15.80 29.34 12.37
N THR D 27 15.26 30.56 12.35
CA THR D 27 14.31 30.99 13.39
C THR D 27 12.84 30.88 12.95
N ASN D 28 11.97 30.49 13.86
CA ASN D 28 10.53 30.37 13.56
C ASN D 28 9.64 30.94 14.68
N ILE D 29 8.65 31.73 14.29
CA ILE D 29 7.70 32.27 15.24
C ILE D 29 6.30 32.01 14.71
N ASN D 30 5.51 31.20 15.40
CA ASN D 30 4.16 30.93 14.94
C ASN D 30 3.34 32.19 15.13
N TYR D 31 2.60 32.59 14.10
CA TYR D 31 1.80 33.81 14.18
C TYR D 31 0.30 33.58 14.36
N TYR D 32 -0.15 32.34 14.29
CA TYR D 32 -1.59 32.07 14.39
C TYR D 32 -2.05 31.30 15.62
N LYS D 33 -3.29 31.52 16.04
CA LYS D 33 -3.81 30.87 17.23
C LYS D 33 -4.16 29.39 17.08
N ASP D 34 -4.05 28.86 15.87
CA ASP D 34 -4.38 27.47 15.62
C ASP D 34 -3.16 26.71 15.12
N ALA D 35 -2.88 25.55 15.72
CA ALA D 35 -1.72 24.78 15.31
C ALA D 35 -1.81 24.36 13.85
N ALA D 36 -3.04 24.29 13.35
CA ALA D 36 -3.29 23.91 11.96
C ALA D 36 -2.58 24.87 11.02
N SER D 37 -2.40 26.11 11.46
CA SER D 37 -1.75 27.13 10.65
C SER D 37 -0.24 26.99 10.57
N ASN D 38 0.36 26.18 11.43
CA ASN D 38 1.82 26.04 11.39
C ASN D 38 2.35 25.36 10.14
N SER D 39 3.62 25.63 9.84
CA SER D 39 4.26 25.04 8.68
C SER D 39 4.39 23.53 8.89
N ALA D 40 4.73 22.82 7.83
CA ALA D 40 4.85 21.38 7.89
C ALA D 40 5.94 20.87 8.83
N ASN D 41 5.82 19.60 9.19
CA ASN D 41 6.77 18.97 10.06
C ASN D 41 7.63 18.15 9.14
N ARG D 42 8.52 18.82 8.43
CA ARG D 42 9.38 18.16 7.47
C ARG D 42 10.62 17.50 8.05
N GLN D 43 10.84 17.60 9.35
CA GLN D 43 12.06 17.01 9.89
C GLN D 43 11.95 15.82 10.85
N ASP D 44 10.82 15.12 10.81
CA ASP D 44 10.61 13.95 11.66
C ASP D 44 11.26 12.74 11.02
N PHE D 45 12.51 12.46 11.40
CA PHE D 45 13.23 11.34 10.80
C PHE D 45 13.12 10.00 11.49
N THR D 46 12.07 9.82 12.28
CA THR D 46 11.87 8.55 12.97
C THR D 46 11.78 7.43 11.94
N GLN D 47 12.04 6.21 12.39
CA GLN D 47 11.98 5.05 11.53
C GLN D 47 11.78 3.80 12.35
N ASP D 48 10.86 2.95 11.91
CA ASP D 48 10.58 1.70 12.59
C ASP D 48 10.10 0.66 11.58
N PRO D 49 11.03 0.09 10.82
CA PRO D 49 10.67 -0.93 9.82
C PRO D 49 10.04 -2.19 10.42
N GLY D 50 10.44 -2.55 11.63
CA GLY D 50 9.93 -3.75 12.28
C GLY D 50 8.46 -4.07 12.12
N LYS D 51 7.59 -3.06 12.29
CA LYS D 51 6.14 -3.24 12.17
C LYS D 51 5.78 -3.99 10.88
N PHE D 52 6.52 -3.70 9.82
CA PHE D 52 6.29 -4.27 8.50
C PHE D 52 7.27 -5.41 8.19
N THR D 53 8.55 -5.09 8.09
CA THR D 53 9.51 -6.14 7.85
C THR D 53 9.81 -6.75 9.22
N GLU D 54 9.44 -8.01 9.43
CA GLU D 54 9.67 -8.71 10.72
C GLU D 54 8.56 -8.72 11.77
N PRO D 55 7.28 -8.80 11.37
CA PRO D 55 6.23 -8.82 12.40
C PRO D 55 5.98 -10.23 12.91
N VAL D 56 7.07 -10.96 13.15
CA VAL D 56 6.99 -12.32 13.66
C VAL D 56 6.93 -12.31 15.19
N LYS D 57 6.20 -13.25 15.76
CA LYS D 57 6.05 -13.35 17.22
C LYS D 57 7.32 -13.87 17.89
N ASP D 58 8.06 -14.73 17.21
CA ASP D 58 9.29 -15.26 17.77
C ASP D 58 10.44 -14.66 17.01
N ILE D 59 11.29 -13.96 17.73
CA ILE D 59 12.43 -13.28 17.14
C ILE D 59 13.30 -14.19 16.28
N MET D 60 13.52 -13.76 15.04
CA MET D 60 14.34 -14.54 14.13
C MET D 60 15.75 -13.99 14.04
N ILE D 61 16.72 -14.76 14.52
CA ILE D 61 18.11 -14.33 14.48
C ILE D 61 18.78 -14.58 13.14
N LYS D 62 19.04 -13.51 12.42
CA LYS D 62 19.65 -13.55 11.10
C LYS D 62 20.57 -14.74 10.81
N SER D 63 21.65 -14.89 11.57
CA SER D 63 22.62 -15.96 11.37
C SER D 63 22.09 -17.38 11.56
N LEU D 64 20.94 -17.50 12.18
CA LEU D 64 20.35 -18.81 12.41
C LEU D 64 19.45 -19.30 11.28
N PRO D 65 19.05 -20.57 11.36
CA PRO D 65 18.17 -21.15 10.35
C PRO D 65 16.76 -20.71 10.75
N ALA D 66 15.93 -20.36 9.78
CA ALA D 66 14.56 -19.92 10.08
C ALA D 66 13.68 -21.07 10.54
N LEU D 67 14.09 -22.31 10.24
CA LEU D 67 13.36 -23.50 10.63
C LEU D 67 14.36 -24.58 11.04
N ASN D 68 13.96 -25.45 11.96
CA ASN D 68 14.85 -26.52 12.41
C ASN D 68 14.08 -27.78 12.82
C1 PLM E . -13.30 11.34 2.86
O1 PLM E . -13.34 10.58 1.84
O2 PLM E . -13.55 10.89 3.99
C2 PLM E . -12.82 12.75 2.65
C3 PLM E . -11.49 13.16 1.89
C4 PLM E . -10.85 14.37 2.60
C5 PLM E . -9.78 15.34 2.09
C6 PLM E . -10.21 16.66 2.70
C7 PLM E . -11.47 17.51 3.09
C8 PLM E . -11.21 18.98 2.59
C9 PLM E . -12.30 19.98 2.97
CA PLM E . -12.16 21.29 2.21
CB PLM E . -12.63 22.54 2.95
CC PLM E . -12.08 23.79 2.22
CD PLM E . -12.64 24.99 3.02
CE PLM E . -12.74 26.22 2.11
CF PLM E . -13.15 27.42 2.96
CG PLM E . -13.28 28.58 1.95
C1 MYR F . 8.87 35.95 21.08
O1 MYR F . 9.96 35.44 20.73
C2 MYR F . 9.05 37.40 21.19
C3 MYR F . 10.50 37.79 21.10
C4 MYR F . 10.97 38.43 19.85
C5 MYR F . 9.81 38.84 19.03
C6 MYR F . 10.14 39.59 17.81
C7 MYR F . 9.73 39.06 16.44
C8 MYR F . 10.66 39.73 15.48
C9 MYR F . 10.79 41.19 15.86
C10 MYR F . 11.84 41.94 15.15
C11 MYR F . 10.99 42.79 14.33
C12 MYR F . 10.70 41.96 13.14
C13 MYR F . 10.39 42.69 11.92
C14 MYR F . 9.80 41.56 11.23
#